data_3OLU
#
_entry.id   3OLU
#
_cell.length_a   121.312
_cell.length_b   131.754
_cell.length_c   180.022
_cell.angle_alpha   90.00
_cell.angle_beta   90.00
_cell.angle_gamma   90.00
#
_symmetry.space_group_name_H-M   'I 2 2 2'
#
loop_
_entity.id
_entity.type
_entity.pdbx_description
1 polymer 'Prostaglandin G/H synthase 2'
2 branched 2-acetamido-2-deoxy-beta-D-glucopyranose-(1-4)-2-acetamido-2-deoxy-beta-D-glucopyranose
3 branched alpha-D-mannopyranose-(1-4)-2-acetamido-2-deoxy-beta-D-glucopyranose-(1-4)-2-acetamido-2-deoxy-beta-D-glucopyranose
4 non-polymer 1,2-ETHANEDIOL
5 non-polymer '(2S)-2,3-dihydroxypropyl (5Z,8Z,11Z,14Z)-icosa-5,8,11,14-tetraenoate'
6 non-polymer 'PROTOPORPHYRIN IX CONTAINING CO'
7 non-polymer 2-acetamido-2-deoxy-beta-D-glucopyranose
8 non-polymer 'octyl beta-D-glucopyranoside'
9 water water
#
_entity_poly.entity_id   1
_entity_poly.type   'polypeptide(L)'
_entity_poly.pdbx_seq_one_letter_code
;AHHHHHHPCCSNPCQNRGECMSTGFDQYKCDCTRTGFYGENCTTPEFLTRIKLLLKPTPNTVHYILTHFKGVWNIVNNIP
FLRSLIMKYVLTSRSYLIDSPPTYNVHYGYKSWEAFSNLSYYTRALPPVADDCPTPMGVKGNKELPDSKEVLEKVLLRRE
FIPDPQGSNMMFAFFAQHFTHQFFKTDHKRGPGFTRGLGHGVDLNHIYGETLDRQHKLRLFKDGKLKYQVIGGEVYPPTV
KDTQVEMIYPPHIPENLQFAVGQEVFGLVPGLMMYATIWLREHNRVCDILKQEHPEWGDEQLFQTSRLILIGETIKIVIE
DYVQHLSGYHFKLKFDPELLFNQQFQYQNRIASEFNTLYHWHPLLPDTFNIEDQEYSFKQFLYNNSILLEHGLTQFVESF
TRQIAGRVAGGRNVPIAVQAVAKASIDQSREMKYQSLNEYRKRFSLKPYTSFEELTGEKEMAAELKALYSDIDVMELYPA
LLVEKPHPDAIFGETMVELGAPFSLKGLMGNPICSPQYWKPSTFGGEVGFKIINTASIQSLICNNVKGCPFTSFNVQDPQ
PTKTATINASASHSRLDDINPTVLIKRRSTEL
;
_entity_poly.pdbx_strand_id   A,B
#
# COMPACT_ATOMS: atom_id res chain seq x y z
N HIS A 6 36.33 2.64 6.59
CA HIS A 6 35.14 2.65 5.68
C HIS A 6 34.19 1.47 5.88
N HIS A 7 32.97 1.58 5.35
CA HIS A 7 31.93 0.56 5.47
C HIS A 7 32.38 -0.76 4.87
N PRO A 8 32.35 -1.84 5.67
CA PRO A 8 32.83 -3.15 5.24
C PRO A 8 32.00 -3.80 4.12
N CYS A 9 30.80 -3.29 3.86
CA CYS A 9 30.05 -3.77 2.72
C CYS A 9 30.36 -3.02 1.40
N CYS A 10 31.31 -2.10 1.42
CA CYS A 10 31.62 -1.29 0.23
C CYS A 10 31.93 -2.12 -1.01
N SER A 11 32.54 -3.29 -0.83
CA SER A 11 32.90 -4.14 -1.96
C SER A 11 31.75 -5.00 -2.48
N ASN A 12 30.57 -4.85 -1.88
CA ASN A 12 29.40 -5.67 -2.24
C ASN A 12 29.71 -7.18 -2.19
N PRO A 13 30.09 -7.70 -1.02
CA PRO A 13 30.55 -9.09 -1.00
C PRO A 13 29.44 -10.14 -1.17
N CYS A 14 28.21 -9.82 -0.74
CA CYS A 14 27.14 -10.82 -0.68
C CYS A 14 26.47 -10.95 -2.03
N GLN A 15 26.47 -12.17 -2.53
CA GLN A 15 25.97 -12.46 -3.86
C GLN A 15 24.57 -13.00 -3.75
N ASN A 16 23.92 -13.16 -4.89
CA ASN A 16 22.66 -13.89 -5.01
C ASN A 16 21.53 -13.36 -4.16
N ARG A 17 21.50 -12.04 -4.00
CA ARG A 17 20.47 -11.33 -3.22
C ARG A 17 20.66 -11.59 -1.74
N GLY A 18 21.86 -12.03 -1.33
CA GLY A 18 22.22 -12.00 0.08
C GLY A 18 22.18 -10.56 0.56
N GLU A 19 21.94 -10.34 1.85
CA GLU A 19 21.96 -8.98 2.39
C GLU A 19 23.23 -8.76 3.19
N CYS A 20 23.85 -7.59 3.05
CA CYS A 20 25.11 -7.34 3.73
C CYS A 20 24.86 -6.44 4.93
N MET A 21 25.54 -6.76 6.02
CA MET A 21 25.41 -6.02 7.27
C MET A 21 26.79 -5.96 7.95
N SER A 22 27.16 -4.79 8.47
CA SER A 22 28.43 -4.63 9.16
C SER A 22 28.29 -5.30 10.52
N THR A 23 29.37 -5.89 11.03
CA THR A 23 29.33 -6.48 12.39
C THR A 23 30.34 -5.86 13.34
N GLY A 24 31.26 -5.11 12.79
CA GLY A 24 32.13 -4.26 13.56
C GLY A 24 32.60 -3.24 12.55
N PHE A 25 33.68 -2.56 12.88
CA PHE A 25 34.25 -1.56 12.00
C PHE A 25 34.83 -2.14 10.71
N ASP A 26 35.36 -3.36 10.77
CA ASP A 26 36.05 -3.95 9.63
C ASP A 26 35.51 -5.32 9.20
N GLN A 27 34.33 -5.68 9.68
CA GLN A 27 33.76 -7.01 9.37
C GLN A 27 32.30 -6.91 8.95
N TYR A 28 31.89 -7.89 8.15
CA TYR A 28 30.54 -7.93 7.61
C TYR A 28 29.98 -9.33 7.78
N LYS A 29 28.66 -9.43 7.66
CA LYS A 29 28.00 -10.71 7.61
C LYS A 29 26.94 -10.69 6.50
N CYS A 30 26.87 -11.76 5.74
CA CYS A 30 25.85 -11.88 4.72
C CYS A 30 24.70 -12.67 5.25
N ASP A 31 23.50 -12.21 4.95
CA ASP A 31 22.29 -12.90 5.34
C ASP A 31 21.72 -13.59 4.10
N CYS A 32 21.87 -14.91 4.06
CA CYS A 32 21.55 -15.69 2.88
C CYS A 32 20.11 -16.23 2.87
N THR A 33 19.28 -15.76 3.79
CA THR A 33 17.89 -16.21 3.94
C THR A 33 17.10 -16.23 2.64
N ARG A 34 16.60 -17.42 2.30
CA ARG A 34 15.76 -17.66 1.12
C ARG A 34 16.43 -17.31 -0.22
N THR A 35 17.76 -17.23 -0.24
CA THR A 35 18.47 -16.99 -1.49
C THR A 35 18.68 -18.30 -2.24
N GLY A 36 18.59 -19.42 -1.52
CA GLY A 36 18.96 -20.71 -2.08
C GLY A 36 20.45 -20.96 -2.09
N PHE A 37 21.21 -20.09 -1.42
CA PHE A 37 22.62 -20.25 -1.27
C PHE A 37 22.98 -20.10 0.20
N TYR A 38 24.20 -20.51 0.55
CA TYR A 38 24.79 -20.27 1.85
C TYR A 38 26.31 -20.07 1.71
N GLY A 39 27.03 -20.15 2.82
CA GLY A 39 28.46 -19.83 2.85
C GLY A 39 28.66 -18.35 3.14
N GLU A 40 29.90 -17.95 3.38
CA GLU A 40 30.20 -16.58 3.80
C GLU A 40 29.59 -15.48 2.88
N ASN A 41 29.65 -15.70 1.56
CA ASN A 41 29.23 -14.68 0.61
C ASN A 41 27.92 -15.03 -0.15
N CYS A 42 27.22 -16.07 0.35
CA CYS A 42 26.03 -16.66 -0.30
C CYS A 42 26.35 -17.17 -1.72
N THR A 43 27.44 -17.94 -1.85
CA THR A 43 27.89 -18.40 -3.18
C THR A 43 27.86 -19.91 -3.34
N THR A 44 27.64 -20.64 -2.25
CA THR A 44 27.47 -22.07 -2.33
C THR A 44 25.98 -22.41 -2.50
N PRO A 45 25.61 -23.10 -3.60
CA PRO A 45 24.20 -23.44 -3.86
C PRO A 45 23.70 -24.64 -3.05
N GLU A 46 22.44 -24.59 -2.63
CA GLU A 46 21.77 -25.71 -1.97
C GLU A 46 21.54 -26.74 -3.05
N PHE A 47 21.37 -28.01 -2.68
CA PHE A 47 21.20 -29.05 -3.68
C PHE A 47 20.13 -28.71 -4.71
N LEU A 48 18.92 -28.40 -4.24
CA LEU A 48 17.81 -28.04 -5.15
C LEU A 48 18.15 -26.85 -6.04
N THR A 49 19.02 -25.96 -5.56
CA THR A 49 19.48 -24.81 -6.34
C THR A 49 20.39 -25.21 -7.50
N ARG A 50 21.33 -26.14 -7.27
CA ARG A 50 22.19 -26.67 -8.34
C ARG A 50 21.34 -27.14 -9.52
N ILE A 51 20.30 -27.91 -9.20
CA ILE A 51 19.34 -28.41 -10.18
C ILE A 51 18.61 -27.29 -10.88
N LYS A 52 18.00 -26.38 -10.11
CA LYS A 52 17.27 -25.23 -10.65
C LYS A 52 18.16 -24.42 -11.58
N LEU A 53 19.42 -24.23 -11.18
CA LEU A 53 20.40 -23.55 -12.01
C LEU A 53 20.65 -24.27 -13.33
N LEU A 54 20.95 -25.57 -13.26
CA LEU A 54 21.30 -26.37 -14.44
C LEU A 54 20.19 -26.43 -15.49
N LEU A 55 18.94 -26.43 -15.03
CA LEU A 55 17.79 -26.54 -15.91
C LEU A 55 17.36 -25.17 -16.48
N LYS A 56 17.05 -24.24 -15.59
CA LYS A 56 16.61 -22.87 -15.94
C LYS A 56 17.32 -22.33 -17.19
N PRO A 57 16.57 -21.98 -18.25
CA PRO A 57 17.19 -21.38 -19.44
C PRO A 57 17.62 -19.94 -19.20
N THR A 58 18.67 -19.50 -19.92
CA THR A 58 19.17 -18.13 -19.85
C THR A 58 18.13 -17.12 -20.36
N PRO A 59 18.17 -15.87 -19.86
CA PRO A 59 17.22 -14.88 -20.34
C PRO A 59 17.29 -14.65 -21.86
N ASN A 60 18.46 -14.82 -22.42
CA ASN A 60 18.67 -14.64 -23.89
CA ASN A 60 18.63 -14.66 -23.83
C ASN A 60 18.04 -15.78 -24.64
N THR A 61 18.12 -16.99 -24.16
CA THR A 61 17.53 -18.16 -24.81
C THR A 61 16.01 -18.02 -24.86
N VAL A 62 15.44 -17.56 -23.75
CA VAL A 62 14.00 -17.28 -23.69
C VAL A 62 13.63 -16.16 -24.69
N HIS A 63 14.42 -15.10 -24.73
CA HIS A 63 14.20 -14.03 -25.71
C HIS A 63 14.21 -14.55 -27.16
N TYR A 64 15.16 -15.44 -27.46
CA TYR A 64 15.24 -16.08 -28.78
C TYR A 64 13.99 -16.90 -29.11
N ILE A 65 13.48 -17.64 -28.14
CA ILE A 65 12.32 -18.49 -28.35
C ILE A 65 11.07 -17.64 -28.60
N LEU A 66 10.98 -16.50 -27.92
CA LEU A 66 9.81 -15.66 -28.06
C LEU A 66 9.85 -14.80 -29.33
N THR A 67 11.03 -14.66 -29.94
CA THR A 67 11.19 -13.84 -31.14
C THR A 67 11.44 -14.68 -32.38
N HIS A 68 11.14 -15.97 -32.29
CA HIS A 68 11.33 -16.90 -33.41
C HIS A 68 10.20 -17.91 -33.44
N PHE A 69 10.25 -18.84 -34.39
CA PHE A 69 9.23 -19.88 -34.54
C PHE A 69 7.84 -19.26 -34.64
N LYS A 70 7.68 -18.30 -35.54
CA LYS A 70 6.39 -17.60 -35.70
C LYS A 70 5.24 -18.59 -35.92
N GLY A 71 5.55 -19.69 -36.60
CA GLY A 71 4.62 -20.79 -36.85
C GLY A 71 4.02 -21.41 -35.60
N VAL A 72 4.85 -21.74 -34.61
CA VAL A 72 4.38 -22.22 -33.32
C VAL A 72 3.51 -21.17 -32.62
N TRP A 73 4.01 -19.93 -32.56
CA TRP A 73 3.31 -18.84 -31.87
C TRP A 73 1.97 -18.53 -32.49
N ASN A 74 1.89 -18.62 -33.82
CA ASN A 74 0.63 -18.56 -34.53
C ASN A 74 -0.41 -19.54 -34.00
N ILE A 75 0.00 -20.77 -33.72
CA ILE A 75 -0.92 -21.75 -33.13
C ILE A 75 -1.30 -21.30 -31.71
N VAL A 76 -0.32 -21.21 -30.83
CA VAL A 76 -0.50 -20.78 -29.45
C VAL A 76 -1.43 -19.57 -29.29
N ASN A 77 -1.13 -18.50 -30.04
CA ASN A 77 -1.92 -17.27 -30.05
C ASN A 77 -3.40 -17.46 -30.37
N ASN A 78 -3.73 -18.44 -31.20
CA ASN A 78 -5.12 -18.69 -31.54
C ASN A 78 -5.77 -19.77 -30.66
N ILE A 79 -5.02 -20.29 -29.68
CA ILE A 79 -5.54 -21.30 -28.77
C ILE A 79 -5.55 -20.71 -27.35
N PRO A 80 -6.73 -20.20 -26.92
CA PRO A 80 -6.86 -19.37 -25.70
C PRO A 80 -6.23 -19.99 -24.47
N PHE A 81 -6.49 -21.27 -24.21
CA PHE A 81 -5.93 -21.95 -23.04
C PHE A 81 -4.39 -21.92 -23.00
N LEU A 82 -3.75 -21.96 -24.17
CA LEU A 82 -2.29 -21.93 -24.25
C LEU A 82 -1.76 -20.49 -24.08
N ARG A 83 -2.39 -19.56 -24.81
CA ARG A 83 -2.04 -18.16 -24.72
C ARG A 83 -2.04 -17.77 -23.25
N SER A 84 -3.14 -18.08 -22.56
CA SER A 84 -3.31 -17.85 -21.12
C SER A 84 -2.21 -18.48 -20.25
N LEU A 85 -1.86 -19.74 -20.51
CA LEU A 85 -0.81 -20.43 -19.75
C LEU A 85 0.56 -19.78 -19.98
N ILE A 86 0.83 -19.39 -21.23
CA ILE A 86 2.07 -18.70 -21.58
C ILE A 86 2.14 -17.30 -20.91
N MET A 87 1.07 -16.50 -21.01
CA MET A 87 1.01 -15.20 -20.32
C MET A 87 1.20 -15.31 -18.80
N LYS A 88 0.59 -16.33 -18.20
CA LYS A 88 0.73 -16.59 -16.76
C LYS A 88 2.19 -16.87 -16.40
N TYR A 89 2.91 -17.63 -17.23
CA TYR A 89 4.36 -17.80 -17.05
C TYR A 89 5.07 -16.44 -17.13
N VAL A 90 4.83 -15.75 -18.25
CA VAL A 90 5.40 -14.42 -18.52
C VAL A 90 5.21 -13.48 -17.34
N LEU A 91 4.02 -13.47 -16.73
CA LEU A 91 3.74 -12.61 -15.61
C LEU A 91 4.44 -13.04 -14.32
N THR A 92 4.45 -14.35 -14.03
CA THR A 92 4.95 -14.83 -12.74
C THR A 92 6.47 -15.06 -12.67
N SER A 93 7.14 -15.23 -13.80
CA SER A 93 8.59 -15.30 -13.79
C SER A 93 9.25 -13.93 -13.47
N ARG A 94 8.73 -12.87 -14.07
CA ARG A 94 9.25 -11.52 -13.84
C ARG A 94 8.92 -10.99 -12.44
N SER A 95 8.26 -11.81 -11.63
CA SER A 95 7.64 -11.31 -10.40
C SER A 95 8.62 -11.21 -9.21
N TYR A 96 9.16 -12.36 -8.79
CA TYR A 96 10.05 -12.47 -7.62
C TYR A 96 11.26 -11.51 -7.63
N LEU A 97 11.48 -10.82 -8.75
CA LEU A 97 12.61 -9.91 -8.91
C LEU A 97 12.41 -8.58 -8.23
N ILE A 98 11.17 -8.19 -8.00
CA ILE A 98 10.90 -6.90 -7.35
C ILE A 98 10.53 -7.07 -5.88
N ASP A 99 11.24 -6.35 -5.01
CA ASP A 99 10.90 -6.24 -3.60
C ASP A 99 9.55 -5.54 -3.41
N SER A 100 8.60 -6.24 -2.79
CA SER A 100 7.25 -5.67 -2.57
C SER A 100 6.56 -6.38 -1.41
N PRO A 101 6.31 -5.67 -0.28
CA PRO A 101 6.58 -4.28 0.10
C PRO A 101 8.01 -3.86 -0.21
N PRO A 102 8.19 -2.58 -0.62
CA PRO A 102 9.50 -2.04 -1.01
C PRO A 102 10.48 -1.87 0.14
N THR A 103 11.76 -1.70 -0.21
CA THR A 103 12.85 -1.72 0.78
C THR A 103 13.66 -0.42 0.79
N TYR A 104 14.77 -0.39 0.05
CA TYR A 104 15.74 0.68 0.15
C TYR A 104 15.28 1.96 -0.57
N ASN A 105 15.97 3.06 -0.26
CA ASN A 105 15.86 4.28 -1.04
C ASN A 105 17.18 5.03 -0.94
N VAL A 106 17.24 6.24 -1.51
CA VAL A 106 18.48 7.00 -1.56
C VAL A 106 19.14 7.26 -0.22
N HIS A 107 18.34 7.36 0.83
CA HIS A 107 18.84 7.67 2.16
C HIS A 107 18.95 6.43 3.05
N TYR A 108 18.38 5.31 2.61
CA TYR A 108 18.37 4.08 3.42
C TYR A 108 18.89 2.87 2.65
N GLY A 109 20.13 2.51 2.96
CA GLY A 109 20.75 1.29 2.44
C GLY A 109 20.51 0.07 3.33
N TYR A 110 19.69 0.23 4.36
CA TYR A 110 19.20 -0.89 5.18
C TYR A 110 17.70 -0.67 5.24
N LYS A 111 16.94 -1.69 5.62
CA LYS A 111 15.48 -1.53 5.72
C LYS A 111 15.09 -0.66 6.93
N SER A 112 14.10 0.23 6.74
CA SER A 112 13.63 1.04 7.83
C SER A 112 12.18 1.45 7.64
N TRP A 113 11.49 1.75 8.74
CA TRP A 113 10.12 2.24 8.63
C TRP A 113 10.03 3.53 7.81
N GLU A 114 10.99 4.43 7.97
CA GLU A 114 11.03 5.63 7.15
C GLU A 114 11.12 5.31 5.64
N ALA A 115 11.96 4.35 5.25
CA ALA A 115 12.01 4.01 3.82
C ALA A 115 10.70 3.31 3.40
N PHE A 116 10.13 2.48 4.28
CA PHE A 116 8.86 1.84 3.93
C PHE A 116 7.74 2.87 3.73
N SER A 117 7.66 3.86 4.61
CA SER A 117 6.42 4.61 4.74
C SER A 117 6.44 5.95 4.05
N ASN A 118 7.63 6.48 3.73
CA ASN A 118 7.68 7.84 3.18
C ASN A 118 7.46 7.73 1.66
N LEU A 119 6.24 8.05 1.19
CA LEU A 119 5.90 7.88 -0.24
C LEU A 119 6.59 8.90 -1.16
N SER A 120 7.24 9.90 -0.56
CA SER A 120 7.93 10.94 -1.28
C SER A 120 9.22 10.46 -1.92
N TYR A 121 9.79 9.37 -1.43
CA TYR A 121 10.95 8.76 -2.09
C TYR A 121 10.54 7.85 -3.27
N TYR A 122 11.37 7.86 -4.31
CA TYR A 122 11.45 6.70 -5.18
C TYR A 122 12.07 5.56 -4.37
N THR A 123 11.66 4.33 -4.62
CA THR A 123 12.34 3.22 -3.97
C THR A 123 13.61 2.84 -4.76
N ARG A 124 14.40 1.90 -4.22
CA ARG A 124 15.65 1.47 -4.85
C ARG A 124 15.71 -0.05 -4.97
N ALA A 125 15.99 -0.53 -6.17
CA ALA A 125 16.24 -1.94 -6.39
C ALA A 125 17.53 -2.38 -5.71
N LEU A 126 18.57 -1.54 -5.74
CA LEU A 126 19.78 -1.82 -4.99
C LEU A 126 20.04 -0.65 -4.05
N PRO A 127 20.51 -0.92 -2.83
CA PRO A 127 20.80 0.17 -1.91
C PRO A 127 21.90 1.07 -2.45
N PRO A 128 22.00 2.31 -1.95
CA PRO A 128 23.10 3.12 -2.47
C PRO A 128 24.45 2.66 -1.94
N VAL A 129 25.48 2.98 -2.70
CA VAL A 129 26.84 2.87 -2.22
C VAL A 129 26.99 3.74 -0.97
N ALA A 130 27.59 3.17 0.08
CA ALA A 130 27.79 3.89 1.34
C ALA A 130 28.62 5.16 1.16
N ASP A 131 28.34 6.15 1.99
CA ASP A 131 28.94 7.48 1.86
C ASP A 131 30.45 7.49 1.95
N ASP A 132 31.02 6.59 2.74
CA ASP A 132 32.46 6.61 3.01
C ASP A 132 33.32 5.62 2.22
N CYS A 133 32.74 4.96 1.21
CA CYS A 133 33.49 4.01 0.40
C CYS A 133 34.75 4.65 -0.25
N PRO A 134 35.82 3.86 -0.44
CA PRO A 134 37.04 4.43 -1.00
C PRO A 134 36.96 4.80 -2.47
N THR A 135 36.03 4.23 -3.22
CA THR A 135 35.82 4.64 -4.61
C THR A 135 34.36 4.85 -4.85
N PRO A 136 33.98 5.61 -5.92
CA PRO A 136 32.56 5.82 -6.22
C PRO A 136 31.69 4.56 -6.26
N MET A 137 32.22 3.42 -6.70
CA MET A 137 31.39 2.22 -6.85
C MET A 137 31.59 1.21 -5.73
N GLY A 138 32.49 1.51 -4.82
CA GLY A 138 32.74 0.65 -3.68
C GLY A 138 34.21 0.61 -3.39
N VAL A 139 34.88 -0.41 -3.92
CA VAL A 139 36.32 -0.50 -3.78
C VAL A 139 37.07 -0.62 -5.13
N LYS A 140 36.37 -0.97 -6.22
CA LYS A 140 37.00 -1.07 -7.56
C LYS A 140 37.06 0.28 -8.28
N GLY A 141 37.99 0.40 -9.25
CA GLY A 141 38.05 1.60 -10.10
C GLY A 141 38.94 2.72 -9.56
N ASN A 142 38.91 3.85 -10.25
CA ASN A 142 39.73 4.99 -9.82
C ASN A 142 39.01 5.79 -8.74
N LYS A 143 39.73 6.72 -8.11
CA LYS A 143 39.17 7.59 -7.08
C LYS A 143 38.01 8.49 -7.59
N GLU A 144 38.06 8.84 -8.87
CA GLU A 144 37.00 9.61 -9.52
C GLU A 144 36.54 8.83 -10.75
N LEU A 145 35.22 8.71 -10.92
CA LEU A 145 34.66 8.28 -12.21
C LEU A 145 34.96 9.35 -13.28
N PRO A 146 34.92 8.98 -14.58
CA PRO A 146 35.25 9.90 -15.67
C PRO A 146 34.31 11.12 -15.71
N ASP A 147 34.86 12.27 -16.10
CA ASP A 147 34.08 13.50 -16.37
C ASP A 147 32.82 13.09 -17.13
N SER A 148 31.66 13.54 -16.67
CA SER A 148 30.43 13.09 -17.31
C SER A 148 30.21 13.68 -18.72
N LYS A 149 30.74 14.87 -18.96
CA LYS A 149 30.72 15.44 -20.30
C LYS A 149 31.52 14.58 -21.28
N GLU A 150 32.68 14.07 -20.82
CA GLU A 150 33.48 13.16 -21.65
C GLU A 150 32.70 11.90 -22.03
N VAL A 151 32.02 11.29 -21.07
CA VAL A 151 31.21 10.11 -21.36
C VAL A 151 30.12 10.44 -22.37
N LEU A 152 29.35 11.48 -22.06
CA LEU A 152 28.27 11.96 -22.92
C LEU A 152 28.74 12.18 -24.36
N GLU A 153 29.80 12.97 -24.53
CA GLU A 153 30.29 13.35 -25.87
C GLU A 153 30.92 12.21 -26.63
N LYS A 154 31.65 11.33 -25.96
CA LYS A 154 32.34 10.24 -26.65
C LYS A 154 31.44 9.10 -27.12
N VAL A 155 30.42 8.77 -26.35
CA VAL A 155 29.67 7.56 -26.63
C VAL A 155 28.12 7.73 -26.63
N LEU A 156 27.64 8.89 -26.22
CA LEU A 156 26.18 9.09 -26.11
C LEU A 156 25.60 10.00 -27.16
N LEU A 157 26.30 11.09 -27.48
CA LEU A 157 25.74 12.07 -28.40
C LEU A 157 25.63 11.54 -29.81
N ARG A 158 24.51 11.85 -30.46
CA ARG A 158 24.22 11.52 -31.85
C ARG A 158 25.13 12.26 -32.83
N ARG A 159 25.78 11.51 -33.71
CA ARG A 159 26.47 12.09 -34.85
C ARG A 159 25.44 12.15 -35.95
N GLU A 160 24.98 10.98 -36.36
CA GLU A 160 24.00 10.86 -37.41
C GLU A 160 22.79 10.20 -36.79
N PHE A 161 21.60 10.56 -37.26
CA PHE A 161 20.38 9.98 -36.70
C PHE A 161 20.35 8.49 -36.98
N ILE A 162 20.22 7.69 -35.93
CA ILE A 162 20.07 6.26 -36.07
C ILE A 162 18.62 5.84 -35.86
N PRO A 163 17.93 5.43 -36.95
CA PRO A 163 16.54 5.04 -36.84
C PRO A 163 16.36 3.70 -36.11
N ASP A 164 15.27 3.57 -35.37
CA ASP A 164 14.94 2.31 -34.70
C ASP A 164 14.65 1.21 -35.72
N PRO A 165 15.50 0.16 -35.77
CA PRO A 165 15.30 -0.90 -36.76
C PRO A 165 14.05 -1.74 -36.43
N GLN A 166 13.49 -1.53 -35.24
CA GLN A 166 12.26 -2.19 -34.82
C GLN A 166 11.00 -1.43 -35.32
N GLY A 167 11.18 -0.23 -35.85
CA GLY A 167 10.07 0.50 -36.50
C GLY A 167 9.23 1.41 -35.61
N SER A 168 9.71 1.71 -34.40
CA SER A 168 8.99 2.58 -33.50
C SER A 168 8.78 3.95 -34.12
N ASN A 169 7.56 4.47 -34.01
CA ASN A 169 7.23 5.78 -34.59
C ASN A 169 7.09 6.88 -33.52
N MET A 170 6.72 8.08 -33.94
CA MET A 170 6.55 9.19 -33.02
C MET A 170 5.28 9.07 -32.17
N MET A 171 4.26 8.37 -32.67
CA MET A 171 3.11 7.95 -31.84
C MET A 171 3.54 7.11 -30.61
N PHE A 172 4.44 6.17 -30.84
CA PHE A 172 5.03 5.38 -29.75
C PHE A 172 5.89 6.23 -28.81
N ALA A 173 6.77 7.04 -29.40
CA ALA A 173 7.69 7.88 -28.65
C ALA A 173 6.94 8.83 -27.69
N PHE A 174 5.91 9.50 -28.21
CA PHE A 174 5.10 10.38 -27.40
C PHE A 174 4.17 9.65 -26.42
N PHE A 175 3.75 8.43 -26.77
CA PHE A 175 2.96 7.65 -25.83
C PHE A 175 3.80 7.29 -24.63
N ALA A 176 5.03 6.84 -24.88
CA ALA A 176 5.99 6.52 -23.81
C ALA A 176 6.17 7.72 -22.88
N GLN A 177 6.40 8.89 -23.45
CA GLN A 177 6.61 10.10 -22.65
C GLN A 177 5.37 10.45 -21.82
N HIS A 178 4.21 10.43 -22.48
CA HIS A 178 2.96 10.81 -21.84
C HIS A 178 2.67 9.84 -20.70
N PHE A 179 2.66 8.55 -21.03
CA PHE A 179 2.33 7.51 -20.05
C PHE A 179 3.26 7.52 -18.83
N THR A 180 4.57 7.62 -19.06
CA THR A 180 5.56 7.43 -17.96
C THR A 180 5.60 8.63 -17.08
N HIS A 181 5.24 9.78 -17.63
CA HIS A 181 5.21 11.01 -16.85
C HIS A 181 4.09 11.14 -15.83
N GLN A 182 3.21 10.14 -15.72
CA GLN A 182 2.33 10.06 -14.56
C GLN A 182 3.05 9.50 -13.33
N PHE A 183 4.07 8.66 -13.52
CA PHE A 183 4.75 8.10 -12.36
C PHE A 183 6.22 8.51 -12.20
N PHE A 184 6.80 9.11 -13.23
CA PHE A 184 8.13 9.69 -13.10
C PHE A 184 7.91 11.18 -13.01
N LYS A 185 7.93 11.70 -11.79
CA LYS A 185 7.66 13.11 -11.57
C LYS A 185 8.59 13.62 -10.45
N THR A 186 9.86 13.75 -10.80
CA THR A 186 10.88 14.06 -9.83
C THR A 186 10.64 15.41 -9.20
N ASP A 187 10.74 15.42 -7.88
CA ASP A 187 10.56 16.62 -7.10
C ASP A 187 11.90 17.31 -6.97
N HIS A 188 12.24 18.17 -7.93
CA HIS A 188 13.59 18.77 -7.97
C HIS A 188 13.89 19.71 -6.80
N LYS A 189 12.85 20.28 -6.20
CA LYS A 189 12.99 20.98 -4.93
C LYS A 189 13.64 20.13 -3.80
N ARG A 190 13.39 18.82 -3.78
CA ARG A 190 13.93 17.96 -2.73
C ARG A 190 15.19 17.19 -3.14
N GLY A 191 15.26 16.79 -4.40
CA GLY A 191 16.38 16.00 -4.90
C GLY A 191 15.92 14.95 -5.87
N PRO A 192 16.87 14.36 -6.60
CA PRO A 192 16.57 13.39 -7.64
C PRO A 192 15.99 12.08 -7.10
N GLY A 193 16.15 11.78 -5.82
CA GLY A 193 15.58 10.54 -5.28
C GLY A 193 14.17 10.69 -4.74
N PHE A 194 13.53 11.81 -5.07
CA PHE A 194 12.21 12.17 -4.58
C PHE A 194 11.23 12.34 -5.71
N THR A 195 10.02 11.86 -5.47
CA THR A 195 8.96 11.95 -6.45
C THR A 195 7.79 12.80 -5.95
N ARG A 196 7.07 13.42 -6.88
CA ARG A 196 5.76 14.04 -6.59
C ARG A 196 4.58 13.13 -6.91
N GLY A 197 4.84 11.98 -7.52
CA GLY A 197 3.79 11.05 -7.92
C GLY A 197 3.54 10.08 -6.80
N LEU A 198 2.79 10.51 -5.80
CA LEU A 198 2.62 9.72 -4.57
C LEU A 198 1.75 8.47 -4.73
N GLY A 199 1.03 8.37 -5.86
CA GLY A 199 0.25 7.18 -6.18
C GLY A 199 1.13 6.04 -6.67
N HIS A 200 2.33 6.38 -7.11
CA HIS A 200 3.33 5.37 -7.42
C HIS A 200 2.88 4.34 -8.46
N GLY A 201 2.22 4.83 -9.50
CA GLY A 201 1.75 3.94 -10.55
C GLY A 201 0.76 4.58 -11.49
N VAL A 202 -0.13 3.73 -12.01
CA VAL A 202 -1.00 4.12 -13.10
C VAL A 202 -2.32 4.57 -12.50
N ASP A 203 -2.35 5.84 -12.09
CA ASP A 203 -3.54 6.42 -11.44
C ASP A 203 -4.17 7.49 -12.32
N LEU A 204 -3.49 7.74 -13.42
CA LEU A 204 -3.90 8.74 -14.39
C LEU A 204 -3.91 10.16 -13.83
N ASN A 205 -3.03 10.45 -12.88
CA ASN A 205 -2.88 11.82 -12.36
C ASN A 205 -2.42 12.81 -13.43
N HIS A 206 -1.78 12.31 -14.48
CA HIS A 206 -1.38 13.17 -15.59
C HIS A 206 -2.59 13.66 -16.37
N ILE A 207 -3.73 13.01 -16.15
CA ILE A 207 -4.98 13.50 -16.73
C ILE A 207 -5.81 14.22 -15.69
N TYR A 208 -5.87 13.66 -14.48
CA TYR A 208 -6.86 14.14 -13.52
C TYR A 208 -6.31 15.05 -12.47
N GLY A 209 -4.97 15.12 -12.35
CA GLY A 209 -4.35 15.91 -11.28
C GLY A 209 -3.89 15.04 -10.13
N GLU A 210 -2.79 15.43 -9.51
CA GLU A 210 -2.24 14.68 -8.40
C GLU A 210 -3.05 14.95 -7.12
N THR A 211 -3.56 16.18 -6.99
CA THR A 211 -4.34 16.55 -5.82
C THR A 211 -5.82 16.74 -6.14
N LEU A 212 -6.65 16.54 -5.12
CA LEU A 212 -8.07 16.82 -5.19
C LEU A 212 -8.36 18.27 -5.59
N ASP A 213 -7.56 19.20 -5.06
CA ASP A 213 -7.63 20.62 -5.41
C ASP A 213 -7.48 20.81 -6.91
N ARG A 214 -6.48 20.16 -7.50
CA ARG A 214 -6.22 20.23 -8.94
C ARG A 214 -7.33 19.52 -9.76
N GLN A 215 -7.71 18.33 -9.35
CA GLN A 215 -8.80 17.61 -10.01
C GLN A 215 -10.07 18.46 -10.09
N HIS A 216 -10.48 19.00 -8.93
CA HIS A 216 -11.67 19.82 -8.87
C HIS A 216 -11.65 21.07 -9.75
N LYS A 217 -10.51 21.71 -9.94
CA LYS A 217 -10.43 22.83 -10.86
C LYS A 217 -10.49 22.37 -12.31
N LEU A 218 -10.24 21.08 -12.56
CA LEU A 218 -10.20 20.58 -13.94
C LEU A 218 -11.54 20.01 -14.34
N ARG A 219 -12.41 19.76 -13.37
CA ARG A 219 -13.68 19.11 -13.60
C ARG A 219 -14.79 20.08 -13.95
N LEU A 220 -15.67 19.62 -14.85
CA LEU A 220 -16.84 20.38 -15.22
C LEU A 220 -17.90 20.37 -14.12
N PHE A 221 -17.98 19.27 -13.37
CA PHE A 221 -19.07 19.00 -12.39
C PHE A 221 -20.45 18.83 -13.01
N LYS A 222 -20.49 18.56 -14.31
CA LYS A 222 -21.73 18.23 -14.97
C LYS A 222 -21.44 16.92 -15.69
N ASP A 223 -22.32 15.93 -15.54
CA ASP A 223 -22.19 14.63 -16.26
C ASP A 223 -20.84 13.87 -16.11
N GLY A 224 -20.08 14.13 -15.05
CA GLY A 224 -18.81 13.44 -14.79
C GLY A 224 -17.61 14.00 -15.55
N LYS A 225 -17.84 15.04 -16.32
CA LYS A 225 -16.88 15.42 -17.36
C LYS A 225 -15.80 16.34 -16.89
N LEU A 226 -14.73 16.38 -17.68
CA LEU A 226 -13.66 17.33 -17.52
C LEU A 226 -13.99 18.59 -18.29
N LYS A 227 -13.61 19.74 -17.74
CA LYS A 227 -13.72 21.01 -18.49
C LYS A 227 -12.96 20.95 -19.81
N TYR A 228 -13.40 21.75 -20.78
CA TYR A 228 -12.78 21.77 -22.10
C TYR A 228 -13.14 23.10 -22.76
N GLN A 229 -12.46 23.39 -23.86
CA GLN A 229 -12.84 24.49 -24.75
C GLN A 229 -13.06 23.98 -26.19
N VAL A 230 -13.76 24.75 -27.01
CA VAL A 230 -14.01 24.37 -28.39
C VAL A 230 -13.38 25.43 -29.28
N ILE A 231 -12.34 25.03 -30.01
CA ILE A 231 -11.65 25.94 -30.92
C ILE A 231 -11.75 25.40 -32.34
N GLY A 232 -12.28 26.22 -33.25
CA GLY A 232 -12.56 25.80 -34.62
C GLY A 232 -13.37 24.51 -34.71
N GLY A 233 -14.32 24.34 -33.79
CA GLY A 233 -15.16 23.16 -33.76
C GLY A 233 -14.52 21.95 -33.09
N GLU A 234 -13.28 22.10 -32.63
CA GLU A 234 -12.50 21.00 -32.02
C GLU A 234 -12.36 21.13 -30.50
N VAL A 235 -12.48 20.02 -29.78
CA VAL A 235 -12.38 19.99 -28.33
C VAL A 235 -10.93 19.92 -27.86
N TYR A 236 -10.53 20.90 -27.05
CA TYR A 236 -9.17 20.90 -26.53
C TYR A 236 -9.30 21.11 -25.01
N PRO A 237 -8.20 20.94 -24.29
CA PRO A 237 -8.25 21.18 -22.87
C PRO A 237 -8.55 22.65 -22.56
N PRO A 238 -9.01 22.93 -21.34
CA PRO A 238 -9.37 24.28 -20.98
C PRO A 238 -8.11 25.11 -20.75
N THR A 239 -8.25 26.41 -20.55
CA THR A 239 -7.06 27.25 -20.36
C THR A 239 -6.68 27.36 -18.88
N VAL A 240 -5.45 27.82 -18.63
CA VAL A 240 -5.00 28.20 -17.28
C VAL A 240 -5.87 29.30 -16.68
N LYS A 241 -6.21 30.31 -17.46
CA LYS A 241 -7.04 31.41 -16.96
C LYS A 241 -8.45 30.95 -16.52
N ASP A 242 -9.08 30.04 -17.27
CA ASP A 242 -10.43 29.59 -16.92
C ASP A 242 -10.44 28.70 -15.66
N THR A 243 -9.41 27.88 -15.52
CA THR A 243 -9.42 26.81 -14.51
C THR A 243 -8.70 27.23 -13.24
N GLN A 244 -7.73 28.13 -13.39
CA GLN A 244 -6.79 28.51 -12.33
C GLN A 244 -5.86 27.36 -11.93
N VAL A 245 -5.57 26.50 -12.90
CA VAL A 245 -4.66 25.37 -12.75
C VAL A 245 -3.25 25.80 -13.18
N GLU A 246 -2.28 25.68 -12.28
CA GLU A 246 -0.87 25.98 -12.56
C GLU A 246 -0.28 25.02 -13.60
N MET A 247 0.35 25.60 -14.63
CA MET A 247 1.04 24.86 -15.69
C MET A 247 2.41 25.51 -15.83
N ILE A 248 3.41 24.77 -16.31
CA ILE A 248 4.70 25.36 -16.65
C ILE A 248 4.56 25.91 -18.08
N TYR A 249 4.71 27.22 -18.25
CA TYR A 249 4.75 27.84 -19.57
C TYR A 249 5.68 29.04 -19.55
N PRO A 250 6.42 29.25 -20.65
CA PRO A 250 7.17 30.48 -20.79
C PRO A 250 6.21 31.66 -20.78
N PRO A 251 6.63 32.79 -20.19
CA PRO A 251 5.86 34.03 -20.18
C PRO A 251 5.14 34.36 -21.51
N HIS A 252 5.79 34.14 -22.66
CA HIS A 252 5.26 34.62 -23.95
C HIS A 252 4.01 33.93 -24.55
N ILE A 253 3.65 32.75 -24.05
CA ILE A 253 2.58 31.95 -24.67
C ILE A 253 1.22 32.63 -24.54
N PRO A 254 0.47 32.78 -25.64
CA PRO A 254 -0.91 33.36 -25.58
C PRO A 254 -1.89 32.64 -24.63
N GLU A 255 -2.76 33.41 -23.98
CA GLU A 255 -3.70 32.92 -22.97
C GLU A 255 -4.36 31.61 -23.37
N ASN A 256 -4.79 31.56 -24.64
CA ASN A 256 -5.57 30.45 -25.19
C ASN A 256 -4.76 29.21 -25.52
N LEU A 257 -3.46 29.38 -25.69
CA LEU A 257 -2.60 28.22 -25.89
C LEU A 257 -1.97 27.78 -24.58
N GLN A 258 -2.37 28.38 -23.47
CA GLN A 258 -1.95 27.89 -22.17
C GLN A 258 -2.93 26.84 -21.68
N PHE A 259 -2.86 25.66 -22.28
CA PHE A 259 -3.74 24.54 -21.96
C PHE A 259 -3.49 24.01 -20.55
N ALA A 260 -4.57 23.76 -19.83
CA ALA A 260 -4.46 23.19 -18.49
C ALA A 260 -4.82 21.71 -18.49
N VAL A 261 -3.84 20.89 -18.13
CA VAL A 261 -4.08 19.46 -18.01
C VAL A 261 -3.58 18.92 -16.65
N GLY A 262 -3.82 17.64 -16.41
CA GLY A 262 -3.47 17.02 -15.14
C GLY A 262 -2.00 17.13 -14.79
N GLN A 263 -1.13 16.98 -15.77
CA GLN A 263 0.29 17.05 -15.54
C GLN A 263 0.89 18.40 -15.99
N GLU A 264 1.45 19.11 -15.01
CA GLU A 264 1.91 20.51 -15.16
C GLU A 264 2.92 20.79 -16.27
N VAL A 265 3.63 19.77 -16.73
CA VAL A 265 4.68 19.96 -17.74
C VAL A 265 4.20 19.65 -19.17
N PHE A 266 2.95 19.26 -19.32
CA PHE A 266 2.52 18.73 -20.62
C PHE A 266 2.41 19.79 -21.73
N GLY A 267 2.37 21.07 -21.35
CA GLY A 267 2.46 22.14 -22.35
C GLY A 267 3.84 22.25 -22.99
N LEU A 268 4.79 21.44 -22.54
CA LEU A 268 6.17 21.48 -23.02
C LEU A 268 6.25 21.09 -24.48
N VAL A 269 5.40 20.13 -24.85
CA VAL A 269 5.52 19.42 -26.11
C VAL A 269 4.14 19.18 -26.73
N PRO A 270 3.97 19.59 -27.99
CA PRO A 270 2.70 19.39 -28.68
C PRO A 270 2.40 17.90 -28.79
N GLY A 271 3.44 17.07 -28.84
CA GLY A 271 3.27 15.61 -28.79
C GLY A 271 2.56 15.19 -27.51
N LEU A 272 2.93 15.81 -26.38
CA LEU A 272 2.31 15.51 -25.11
C LEU A 272 0.87 16.02 -25.09
N MET A 273 0.66 17.20 -25.66
CA MET A 273 -0.66 17.81 -25.66
C MET A 273 -1.60 17.07 -26.61
N MET A 274 -1.03 16.42 -27.63
CA MET A 274 -1.83 15.57 -28.49
C MET A 274 -2.52 14.46 -27.69
N TYR A 275 -1.76 13.75 -26.85
CA TYR A 275 -2.30 12.67 -26.02
C TYR A 275 -3.15 13.20 -24.89
N ALA A 276 -2.76 14.32 -24.31
CA ALA A 276 -3.57 14.89 -23.26
C ALA A 276 -4.96 15.18 -23.79
N THR A 277 -5.05 15.68 -25.03
CA THR A 277 -6.32 16.07 -25.61
C THR A 277 -7.14 14.80 -25.91
N ILE A 278 -6.47 13.78 -26.44
CA ILE A 278 -7.09 12.52 -26.81
C ILE A 278 -7.73 11.88 -25.59
N TRP A 279 -6.97 11.82 -24.49
CA TRP A 279 -7.44 11.23 -23.25
C TRP A 279 -8.55 12.04 -22.58
N LEU A 280 -8.47 13.36 -22.65
CA LEU A 280 -9.58 14.22 -22.20
C LEU A 280 -10.89 13.86 -22.92
N ARG A 281 -10.82 13.78 -24.25
CA ARG A 281 -11.94 13.38 -25.09
C ARG A 281 -12.47 11.97 -24.72
N GLU A 282 -11.56 11.03 -24.54
CA GLU A 282 -11.90 9.69 -24.08
C GLU A 282 -12.70 9.73 -22.78
N HIS A 283 -12.23 10.50 -21.80
CA HIS A 283 -12.91 10.53 -20.51
C HIS A 283 -14.36 11.01 -20.69
N ASN A 284 -14.54 12.07 -21.48
CA ASN A 284 -15.87 12.67 -21.63
C ASN A 284 -16.76 11.75 -22.51
N ARG A 285 -16.14 11.06 -23.48
CA ARG A 285 -16.86 10.09 -24.29
C ARG A 285 -17.43 8.96 -23.38
N VAL A 286 -16.63 8.50 -22.42
CA VAL A 286 -17.02 7.44 -21.52
C VAL A 286 -18.11 7.89 -20.55
N CYS A 287 -17.97 9.10 -20.03
CA CYS A 287 -19.09 9.80 -19.37
C CYS A 287 -20.41 9.69 -20.11
N ASP A 288 -20.38 10.02 -21.40
CA ASP A 288 -21.57 9.98 -22.25
C ASP A 288 -22.14 8.55 -22.26
N ILE A 289 -21.28 7.54 -22.38
CA ILE A 289 -21.74 6.16 -22.44
C ILE A 289 -22.38 5.80 -21.09
N LEU A 290 -21.70 6.12 -20.00
CA LEU A 290 -22.21 5.76 -18.68
C LEU A 290 -23.50 6.49 -18.35
N LYS A 291 -23.60 7.75 -18.77
CA LYS A 291 -24.81 8.55 -18.51
C LYS A 291 -25.98 7.89 -19.21
N GLN A 292 -25.73 7.38 -20.41
CA GLN A 292 -26.73 6.63 -21.15
C GLN A 292 -27.15 5.34 -20.42
N GLU A 293 -26.17 4.61 -19.90
CA GLU A 293 -26.40 3.40 -19.10
C GLU A 293 -27.08 3.71 -17.78
N HIS A 294 -26.62 4.77 -17.12
CA HIS A 294 -27.12 5.14 -15.82
C HIS A 294 -27.65 6.58 -15.74
N PRO A 295 -28.88 6.83 -16.28
CA PRO A 295 -29.50 8.15 -16.18
C PRO A 295 -29.68 8.58 -14.73
N GLU A 296 -29.68 7.60 -13.83
CA GLU A 296 -29.87 7.86 -12.41
C GLU A 296 -28.57 8.30 -11.70
N TRP A 297 -27.41 8.10 -12.32
CA TRP A 297 -26.17 8.45 -11.64
C TRP A 297 -25.91 9.97 -11.55
N GLY A 298 -25.27 10.42 -10.49
CA GLY A 298 -24.83 11.80 -10.41
C GLY A 298 -23.48 12.05 -11.05
N ASP A 299 -23.07 13.31 -11.06
CA ASP A 299 -21.77 13.74 -11.59
C ASP A 299 -20.58 13.00 -10.98
N GLU A 300 -20.54 12.91 -9.66
CA GLU A 300 -19.40 12.33 -8.96
C GLU A 300 -19.15 10.86 -9.35
N GLN A 301 -20.19 10.04 -9.32
CA GLN A 301 -20.04 8.62 -9.71
C GLN A 301 -19.71 8.47 -11.20
N LEU A 302 -20.29 9.30 -12.07
CA LEU A 302 -19.90 9.27 -13.49
C LEU A 302 -18.42 9.55 -13.66
N PHE A 303 -17.93 10.57 -12.94
CA PHE A 303 -16.52 10.92 -12.99
C PHE A 303 -15.63 9.77 -12.50
N GLN A 304 -15.95 9.22 -11.33
CA GLN A 304 -15.05 8.25 -10.70
C GLN A 304 -15.07 6.97 -11.49
N THR A 305 -16.24 6.62 -12.00
CA THR A 305 -16.35 5.40 -12.77
C THR A 305 -15.62 5.49 -14.12
N SER A 306 -15.77 6.62 -14.82
CA SER A 306 -15.01 6.83 -16.05
C SER A 306 -13.50 6.78 -15.76
N ARG A 307 -13.09 7.29 -14.60
CA ARG A 307 -11.67 7.29 -14.26
C ARG A 307 -11.13 5.85 -14.18
N LEU A 308 -11.87 4.99 -13.47
CA LEU A 308 -11.48 3.56 -13.33
C LEU A 308 -11.44 2.86 -14.68
N ILE A 309 -12.43 3.18 -15.51
CA ILE A 309 -12.47 2.67 -16.89
C ILE A 309 -11.21 3.06 -17.66
N LEU A 310 -10.84 4.33 -17.59
CA LEU A 310 -9.67 4.83 -18.33
C LEU A 310 -8.37 4.22 -17.83
N ILE A 311 -8.30 3.96 -16.51
CA ILE A 311 -7.17 3.28 -15.92
C ILE A 311 -7.03 1.92 -16.56
N GLY A 312 -8.14 1.20 -16.64
CA GLY A 312 -8.15 -0.12 -17.28
C GLY A 312 -7.77 -0.05 -18.73
N GLU A 313 -8.34 0.93 -19.45
CA GLU A 313 -7.97 1.17 -20.85
C GLU A 313 -6.48 1.31 -21.01
N THR A 314 -5.87 2.08 -20.11
CA THR A 314 -4.44 2.38 -20.18
C THR A 314 -3.61 1.11 -20.01
N ILE A 315 -3.96 0.33 -19.00
CA ILE A 315 -3.21 -0.90 -18.73
C ILE A 315 -3.29 -1.84 -19.94
N LYS A 316 -4.51 -2.00 -20.47
CA LYS A 316 -4.80 -2.82 -21.64
C LYS A 316 -3.92 -2.43 -22.83
N ILE A 317 -3.89 -1.13 -23.15
CA ILE A 317 -3.10 -0.61 -24.28
C ILE A 317 -1.62 -0.80 -24.03
N VAL A 318 -1.21 -0.50 -22.81
CA VAL A 318 0.19 -0.60 -22.50
C VAL A 318 0.66 -2.05 -22.67
N ILE A 319 -0.11 -3.01 -22.15
CA ILE A 319 0.27 -4.41 -22.28
C ILE A 319 0.19 -4.90 -23.73
N GLU A 320 -0.97 -4.74 -24.36
CA GLU A 320 -1.25 -5.42 -25.61
C GLU A 320 -0.80 -4.67 -26.87
N ASP A 321 -0.51 -3.37 -26.74
CA ASP A 321 -0.03 -2.60 -27.88
C ASP A 321 1.39 -2.17 -27.65
N TYR A 322 1.63 -1.51 -26.51
CA TYR A 322 2.88 -0.85 -26.22
C TYR A 322 4.00 -1.83 -25.84
N VAL A 323 3.80 -2.65 -24.81
CA VAL A 323 4.79 -3.65 -24.45
C VAL A 323 4.93 -4.67 -25.60
N GLN A 324 3.79 -5.07 -26.17
CA GLN A 324 3.78 -5.99 -27.31
C GLN A 324 4.74 -5.54 -28.40
N HIS A 325 4.60 -4.29 -28.82
CA HIS A 325 5.50 -3.71 -29.81
C HIS A 325 6.98 -3.71 -29.35
N LEU A 326 7.25 -3.23 -28.14
CA LEU A 326 8.60 -3.19 -27.58
C LEU A 326 9.26 -4.54 -27.51
N SER A 327 8.47 -5.57 -27.22
CA SER A 327 8.99 -6.90 -26.92
C SER A 327 9.57 -7.62 -28.13
N GLY A 328 9.13 -7.23 -29.31
CA GLY A 328 9.41 -7.98 -30.54
C GLY A 328 8.85 -9.40 -30.53
N TYR A 329 8.03 -9.76 -29.53
CA TYR A 329 7.51 -11.16 -29.46
C TYR A 329 6.51 -11.52 -30.56
N HIS A 330 6.55 -12.77 -30.99
CA HIS A 330 5.53 -13.32 -31.85
C HIS A 330 4.32 -13.74 -31.02
N PHE A 331 4.58 -14.11 -29.77
CA PHE A 331 3.51 -14.37 -28.82
C PHE A 331 2.68 -13.11 -28.53
N LYS A 332 1.37 -13.27 -28.45
CA LYS A 332 0.45 -12.14 -28.17
C LYS A 332 0.19 -11.97 -26.67
N LEU A 333 0.92 -11.05 -26.05
CA LEU A 333 0.64 -10.65 -24.65
C LEU A 333 -0.83 -10.35 -24.45
N LYS A 334 -1.31 -10.61 -23.24
CA LYS A 334 -2.72 -10.43 -22.91
C LYS A 334 -2.86 -9.73 -21.57
N PHE A 335 -3.74 -8.73 -21.48
CA PHE A 335 -4.14 -8.14 -20.20
C PHE A 335 -5.31 -8.90 -19.64
N ASP A 336 -5.06 -9.63 -18.54
CA ASP A 336 -6.09 -10.44 -17.92
C ASP A 336 -5.79 -10.73 -16.45
N PRO A 337 -6.35 -9.90 -15.57
CA PRO A 337 -6.07 -9.97 -14.14
C PRO A 337 -6.35 -11.36 -13.54
N GLU A 338 -7.34 -12.07 -14.09
CA GLU A 338 -7.73 -13.43 -13.65
C GLU A 338 -6.55 -14.42 -13.60
N LEU A 339 -5.53 -14.17 -14.41
CA LEU A 339 -4.38 -15.07 -14.50
C LEU A 339 -3.54 -15.05 -13.23
N LEU A 340 -3.72 -14.04 -12.38
CA LEU A 340 -2.95 -13.99 -11.15
C LEU A 340 -3.79 -14.42 -9.93
N PHE A 341 -5.09 -14.66 -10.12
CA PHE A 341 -6.00 -14.97 -8.99
C PHE A 341 -5.65 -16.22 -8.17
N ASN A 342 -5.04 -17.23 -8.79
CA ASN A 342 -4.52 -18.38 -8.04
C ASN A 342 -3.00 -18.31 -7.81
N GLN A 343 -2.43 -17.11 -7.95
CA GLN A 343 -1.00 -16.93 -7.77
C GLN A 343 -0.71 -16.09 -6.54
N GLN A 344 0.55 -16.06 -6.12
CA GLN A 344 0.96 -15.15 -5.06
C GLN A 344 1.44 -13.87 -5.71
N PHE A 345 0.81 -12.77 -5.39
CA PHE A 345 1.13 -11.52 -6.03
C PHE A 345 0.67 -10.40 -5.13
N GLN A 346 1.46 -9.34 -5.04
CA GLN A 346 1.09 -8.20 -4.21
C GLN A 346 0.49 -7.09 -5.09
N TYR A 347 -0.74 -6.69 -4.80
CA TYR A 347 -1.41 -5.58 -5.53
C TYR A 347 -0.98 -4.23 -4.97
N GLN A 348 0.29 -3.88 -5.18
CA GLN A 348 0.83 -2.63 -4.70
C GLN A 348 2.09 -2.38 -5.49
N ASN A 349 2.47 -1.12 -5.63
CA ASN A 349 3.67 -0.79 -6.35
C ASN A 349 4.35 0.41 -5.71
N ARG A 350 5.66 0.48 -5.84
CA ARG A 350 6.41 1.67 -5.42
C ARG A 350 7.40 1.92 -6.55
N ILE A 351 7.44 3.15 -7.04
CA ILE A 351 8.25 3.46 -8.21
C ILE A 351 9.74 3.48 -7.86
N ALA A 352 10.54 2.67 -8.56
CA ALA A 352 11.97 2.62 -8.33
C ALA A 352 12.72 3.69 -9.10
N SER A 353 13.72 4.26 -8.44
CA SER A 353 14.60 5.22 -9.05
C SER A 353 15.25 4.66 -10.32
N GLU A 354 15.73 3.43 -10.28
CA GLU A 354 16.40 2.85 -11.46
C GLU A 354 15.46 2.65 -12.66
N PHE A 355 14.16 2.49 -12.38
CA PHE A 355 13.17 2.36 -13.42
C PHE A 355 13.02 3.71 -14.13
N ASN A 356 13.03 4.79 -13.34
CA ASN A 356 13.06 6.15 -13.86
C ASN A 356 14.33 6.33 -14.72
N THR A 357 15.48 5.95 -14.19
CA THR A 357 16.72 6.12 -14.90
C THR A 357 16.76 5.38 -16.24
N LEU A 358 16.38 4.12 -16.28
CA LEU A 358 16.50 3.36 -17.51
C LEU A 358 15.54 3.83 -18.58
N TYR A 359 14.52 4.59 -18.15
CA TYR A 359 13.47 5.05 -19.03
C TYR A 359 13.78 6.39 -19.71
N HIS A 360 15.00 6.89 -19.55
CA HIS A 360 15.41 8.10 -20.25
C HIS A 360 15.75 7.78 -21.70
N TRP A 361 14.70 7.67 -22.50
CA TRP A 361 14.83 7.18 -23.85
C TRP A 361 14.95 8.34 -24.82
N HIS A 362 15.69 9.36 -24.41
CA HIS A 362 15.91 10.52 -25.28
C HIS A 362 16.45 10.22 -26.68
N PRO A 363 17.18 9.09 -26.88
CA PRO A 363 17.52 8.78 -28.27
C PRO A 363 16.30 8.53 -29.19
N LEU A 364 15.15 8.25 -28.62
CA LEU A 364 13.93 8.11 -29.42
C LEU A 364 13.67 9.35 -30.28
N LEU A 365 14.04 10.52 -29.75
CA LEU A 365 13.72 11.80 -30.35
C LEU A 365 14.40 11.99 -31.70
N PRO A 366 13.63 12.47 -32.68
CA PRO A 366 14.13 12.68 -34.04
C PRO A 366 14.89 13.99 -34.14
N ASP A 367 15.49 14.25 -35.29
CA ASP A 367 16.22 15.51 -35.50
C ASP A 367 15.26 16.68 -35.73
N THR A 368 14.16 16.42 -36.45
CA THR A 368 13.04 17.36 -36.60
C THR A 368 11.69 16.65 -36.40
N PHE A 369 10.65 17.43 -36.18
CA PHE A 369 9.30 16.88 -35.98
C PHE A 369 8.49 17.13 -37.23
N ASN A 370 8.20 16.05 -37.96
CA ASN A 370 7.67 16.16 -39.33
C ASN A 370 6.16 16.06 -39.34
N ILE A 371 5.50 17.21 -39.48
CA ILE A 371 4.05 17.24 -39.50
C ILE A 371 3.57 17.80 -40.84
N GLU A 372 2.78 16.99 -41.54
CA GLU A 372 2.25 17.33 -42.86
C GLU A 372 3.49 17.54 -43.75
N ASP A 373 3.74 18.75 -44.22
CA ASP A 373 4.99 18.98 -44.96
C ASP A 373 5.91 19.99 -44.28
N GLN A 374 5.69 20.21 -42.99
CA GLN A 374 6.60 21.03 -42.21
C GLN A 374 7.56 20.13 -41.43
N GLU A 375 8.78 20.63 -41.26
CA GLU A 375 9.79 19.95 -40.45
C GLU A 375 10.23 20.92 -39.39
N TYR A 376 9.69 20.73 -38.18
CA TYR A 376 9.94 21.62 -37.07
C TYR A 376 11.21 21.25 -36.30
N SER A 377 12.08 22.24 -36.11
CA SER A 377 13.22 22.09 -35.20
C SER A 377 12.73 21.99 -33.74
N PHE A 378 13.60 21.53 -32.85
CA PHE A 378 13.32 21.56 -31.43
C PHE A 378 12.87 22.93 -30.98
N LYS A 379 13.66 23.97 -31.31
CA LYS A 379 13.36 25.36 -30.94
C LYS A 379 11.94 25.78 -31.35
N GLN A 380 11.53 25.38 -32.54
CA GLN A 380 10.21 25.71 -33.09
C GLN A 380 9.08 24.91 -32.46
N PHE A 381 9.38 23.68 -32.07
CA PHE A 381 8.41 22.72 -31.59
C PHE A 381 8.12 22.85 -30.09
N LEU A 382 9.15 23.18 -29.29
CA LEU A 382 8.96 23.36 -27.85
C LEU A 382 7.90 24.39 -27.54
N TYR A 383 6.99 24.02 -26.65
CA TYR A 383 5.95 24.93 -26.13
C TYR A 383 5.01 25.54 -27.19
N ASN A 384 5.03 25.00 -28.41
CA ASN A 384 4.23 25.53 -29.50
C ASN A 384 2.96 24.75 -29.74
N ASN A 385 1.97 25.02 -28.90
CA ASN A 385 0.65 24.47 -29.13
C ASN A 385 -0.07 24.99 -30.39
N SER A 386 0.37 26.13 -30.93
CA SER A 386 -0.08 26.62 -32.25
C SER A 386 -0.02 25.58 -33.35
N ILE A 387 1.01 24.74 -33.30
CA ILE A 387 1.31 23.73 -34.30
C ILE A 387 0.20 22.71 -34.32
N LEU A 388 -0.19 22.29 -33.12
CA LEU A 388 -1.35 21.41 -32.85
C LEU A 388 -2.65 22.00 -33.37
N LEU A 389 -2.90 23.27 -33.07
CA LEU A 389 -4.13 23.89 -33.56
C LEU A 389 -4.08 24.04 -35.07
N GLU A 390 -2.93 24.48 -35.59
CA GLU A 390 -2.75 24.70 -37.03
C GLU A 390 -3.02 23.46 -37.86
N HIS A 391 -2.43 22.34 -37.44
CA HIS A 391 -2.51 21.09 -38.18
C HIS A 391 -3.72 20.23 -37.77
N GLY A 392 -4.08 20.26 -36.49
CA GLY A 392 -5.12 19.41 -35.94
C GLY A 392 -4.64 18.02 -35.55
N LEU A 393 -5.41 17.35 -34.69
CA LEU A 393 -5.04 16.03 -34.20
C LEU A 393 -4.97 14.99 -35.29
N THR A 394 -5.83 15.11 -36.30
CA THR A 394 -5.87 14.14 -37.39
C THR A 394 -4.54 14.09 -38.12
N GLN A 395 -4.01 15.25 -38.51
CA GLN A 395 -2.69 15.35 -39.14
C GLN A 395 -1.56 14.95 -38.19
N PHE A 396 -1.67 15.35 -36.93
CA PHE A 396 -0.69 14.91 -35.95
C PHE A 396 -0.55 13.40 -35.94
N VAL A 397 -1.70 12.69 -35.92
CA VAL A 397 -1.70 11.25 -35.84
C VAL A 397 -1.12 10.64 -37.12
N GLU A 398 -1.59 11.12 -38.27
CA GLU A 398 -1.13 10.63 -39.55
C GLU A 398 0.37 10.82 -39.70
N SER A 399 0.87 11.98 -39.27
CA SER A 399 2.28 12.32 -39.44
C SER A 399 3.16 11.56 -38.45
N PHE A 400 2.75 11.53 -37.20
CA PHE A 400 3.54 10.84 -36.19
C PHE A 400 3.52 9.33 -36.32
N THR A 401 2.46 8.78 -36.91
CA THR A 401 2.39 7.34 -37.23
C THR A 401 3.40 6.95 -38.32
N ARG A 402 3.66 7.84 -39.26
CA ARG A 402 4.61 7.59 -40.35
C ARG A 402 6.06 8.03 -40.04
N GLN A 403 6.31 8.76 -38.95
CA GLN A 403 7.69 9.21 -38.65
C GLN A 403 8.46 8.28 -37.73
N ILE A 404 9.64 7.81 -38.17
CA ILE A 404 10.40 6.89 -37.36
C ILE A 404 11.11 7.55 -36.16
N ALA A 405 11.10 6.85 -35.03
CA ALA A 405 11.83 7.26 -33.83
C ALA A 405 13.23 6.68 -33.85
N GLY A 406 14.08 7.19 -32.97
CA GLY A 406 15.47 6.76 -32.95
C GLY A 406 15.68 5.48 -32.16
N ARG A 407 16.75 4.76 -32.52
CA ARG A 407 17.21 3.61 -31.74
C ARG A 407 17.72 4.04 -30.35
N VAL A 408 17.42 3.28 -29.29
CA VAL A 408 17.81 3.67 -27.90
C VAL A 408 19.17 3.12 -27.49
N ALA A 409 19.34 1.81 -27.58
CA ALA A 409 20.67 1.18 -27.38
C ALA A 409 21.59 1.40 -28.60
N GLY A 410 22.80 0.83 -28.55
CA GLY A 410 23.72 0.85 -29.70
C GLY A 410 24.69 2.02 -29.72
N GLY A 411 24.49 2.98 -28.81
CA GLY A 411 25.38 4.12 -28.66
C GLY A 411 25.10 5.30 -29.57
N ARG A 412 25.66 6.44 -29.20
CA ARG A 412 25.73 7.64 -30.04
C ARG A 412 24.42 8.00 -30.74
N ASN A 413 23.36 8.15 -29.98
CA ASN A 413 22.12 8.53 -30.60
C ASN A 413 21.27 9.52 -29.78
N VAL A 414 21.86 10.15 -28.77
CA VAL A 414 21.18 11.17 -27.97
C VAL A 414 21.26 12.52 -28.69
N PRO A 415 20.10 13.13 -28.97
CA PRO A 415 20.06 14.41 -29.69
C PRO A 415 20.78 15.51 -28.90
N ILE A 416 21.61 16.27 -29.58
CA ILE A 416 22.32 17.41 -28.97
C ILE A 416 21.36 18.38 -28.24
N ALA A 417 20.16 18.56 -28.78
CA ALA A 417 19.16 19.43 -28.19
C ALA A 417 18.88 19.08 -26.72
N VAL A 418 18.98 17.80 -26.37
CA VAL A 418 18.75 17.38 -24.97
C VAL A 418 20.04 16.90 -24.28
N GLN A 419 21.19 17.39 -24.72
CA GLN A 419 22.47 16.94 -24.15
C GLN A 419 22.54 17.17 -22.64
N ALA A 420 21.93 18.28 -22.19
CA ALA A 420 21.93 18.65 -20.78
C ALA A 420 21.15 17.64 -19.92
N VAL A 421 20.08 17.07 -20.49
CA VAL A 421 19.25 16.08 -19.82
C VAL A 421 20.04 14.79 -19.63
N ALA A 422 20.67 14.35 -20.72
CA ALA A 422 21.51 13.17 -20.67
C ALA A 422 22.67 13.33 -19.68
N LYS A 423 23.32 14.50 -19.67
CA LYS A 423 24.40 14.74 -18.71
C LYS A 423 23.85 14.64 -17.28
N ALA A 424 22.66 15.20 -17.09
CA ALA A 424 22.03 15.23 -15.78
C ALA A 424 21.66 13.83 -15.34
N SER A 425 21.23 12.99 -16.27
CA SER A 425 20.98 11.59 -15.94
C SER A 425 22.22 10.97 -15.32
N ILE A 426 23.39 11.27 -15.88
CA ILE A 426 24.64 10.72 -15.37
C ILE A 426 24.99 11.32 -14.01
N ASP A 427 25.01 12.65 -13.91
CA ASP A 427 25.38 13.29 -12.65
C ASP A 427 24.45 12.89 -11.50
N GLN A 428 23.16 12.73 -11.80
CA GLN A 428 22.18 12.41 -10.76
C GLN A 428 22.22 10.96 -10.29
N SER A 429 22.55 10.04 -11.22
CA SER A 429 22.90 8.67 -10.87
C SER A 429 23.98 8.69 -9.81
N ARG A 430 25.02 9.48 -10.05
CA ARG A 430 26.19 9.55 -9.18
C ARG A 430 25.82 10.18 -7.87
N GLU A 431 24.99 11.22 -7.93
CA GLU A 431 24.55 11.90 -6.73
C GLU A 431 23.70 10.96 -5.83
N MET A 432 22.89 10.10 -6.46
CA MET A 432 22.05 9.10 -5.76
C MET A 432 22.82 7.81 -5.38
N LYS A 433 24.12 7.83 -5.71
CA LYS A 433 25.05 6.75 -5.38
CA LYS A 433 25.09 6.76 -5.47
C LYS A 433 24.64 5.37 -5.91
N TYR A 434 24.20 5.31 -7.16
CA TYR A 434 23.89 4.07 -7.85
C TYR A 434 25.09 3.15 -7.89
N GLN A 435 24.85 1.87 -7.59
CA GLN A 435 25.85 0.84 -7.86
C GLN A 435 26.13 0.68 -9.37
N SER A 436 27.16 -0.09 -9.69
CA SER A 436 27.60 -0.24 -11.06
C SER A 436 26.61 -1.09 -11.89
N LEU A 437 26.81 -1.04 -13.21
CA LEU A 437 26.10 -1.84 -14.19
C LEU A 437 26.08 -3.33 -13.86
N ASN A 438 27.25 -3.87 -13.54
CA ASN A 438 27.38 -5.28 -13.22
C ASN A 438 26.70 -5.68 -11.92
N GLU A 439 26.65 -4.80 -10.94
CA GLU A 439 25.85 -5.09 -9.73
C GLU A 439 24.37 -5.16 -10.10
N TYR A 440 23.91 -4.28 -11.00
CA TYR A 440 22.50 -4.29 -11.42
C TYR A 440 22.16 -5.54 -12.25
N ARG A 441 23.08 -5.93 -13.12
CA ARG A 441 22.89 -7.15 -13.91
C ARG A 441 22.80 -8.38 -12.98
N LYS A 442 23.69 -8.48 -11.99
CA LYS A 442 23.58 -9.60 -11.03
C LYS A 442 22.26 -9.57 -10.23
N ARG A 443 21.84 -8.38 -9.81
CA ARG A 443 20.58 -8.19 -9.13
C ARG A 443 19.37 -8.69 -9.97
N PHE A 444 19.49 -8.64 -11.29
CA PHE A 444 18.39 -9.08 -12.14
C PHE A 444 18.67 -10.39 -12.84
N SER A 445 19.58 -11.18 -12.30
CA SER A 445 19.90 -12.56 -12.75
C SER A 445 20.61 -12.67 -14.09
N LEU A 446 21.45 -11.68 -14.39
CA LEU A 446 22.29 -11.71 -15.60
C LEU A 446 23.74 -11.87 -15.18
N LYS A 447 24.55 -12.48 -16.04
CA LYS A 447 25.98 -12.50 -15.83
C LYS A 447 26.57 -11.11 -16.03
N PRO A 448 27.49 -10.71 -15.15
CA PRO A 448 28.23 -9.48 -15.36
C PRO A 448 29.00 -9.55 -16.67
N TYR A 449 29.04 -8.44 -17.40
CA TYR A 449 29.94 -8.29 -18.55
C TYR A 449 31.41 -8.39 -18.12
N THR A 450 32.21 -9.08 -18.94
CA THR A 450 33.62 -9.31 -18.61
C THR A 450 34.56 -8.32 -19.30
N SER A 451 34.05 -7.61 -20.30
CA SER A 451 34.81 -6.55 -20.99
C SER A 451 33.85 -5.52 -21.55
N PHE A 452 34.38 -4.39 -21.97
CA PHE A 452 33.60 -3.35 -22.60
C PHE A 452 33.11 -3.77 -23.98
N GLU A 453 33.90 -4.57 -24.68
CA GLU A 453 33.55 -5.04 -26.02
C GLU A 453 32.37 -6.00 -25.96
N GLU A 454 32.29 -6.77 -24.88
CA GLU A 454 31.13 -7.63 -24.67
C GLU A 454 29.89 -6.75 -24.43
N LEU A 455 30.06 -5.61 -23.76
CA LEU A 455 28.95 -4.70 -23.51
C LEU A 455 28.42 -4.08 -24.83
N THR A 456 29.31 -3.50 -25.60
CA THR A 456 28.93 -2.77 -26.80
C THR A 456 28.78 -3.66 -28.04
N GLY A 457 29.47 -4.81 -28.05
CA GLY A 457 29.47 -5.72 -29.21
C GLY A 457 30.29 -5.16 -30.36
N GLU A 458 31.14 -4.19 -30.05
CA GLU A 458 31.79 -3.35 -31.04
C GLU A 458 33.19 -2.95 -30.48
N LYS A 459 34.03 -2.29 -31.27
CA LYS A 459 35.41 -2.03 -30.84
C LYS A 459 35.68 -0.61 -30.33
N GLU A 460 35.16 0.37 -31.07
CA GLU A 460 35.55 1.77 -30.94
C GLU A 460 34.98 2.44 -29.67
N MET A 461 33.69 2.27 -29.39
CA MET A 461 33.11 2.84 -28.18
C MET A 461 33.67 2.10 -26.98
N ALA A 462 33.81 0.79 -27.12
CA ALA A 462 34.40 -0.04 -26.05
C ALA A 462 35.75 0.51 -25.61
N ALA A 463 36.60 0.91 -26.56
CA ALA A 463 37.93 1.44 -26.26
C ALA A 463 37.84 2.82 -25.59
N GLU A 464 36.93 3.66 -26.05
CA GLU A 464 36.74 4.95 -25.39
C GLU A 464 36.31 4.72 -23.94
N LEU A 465 35.35 3.80 -23.73
CA LEU A 465 34.86 3.44 -22.41
C LEU A 465 35.94 2.83 -21.50
N LYS A 466 36.74 1.90 -22.05
CA LYS A 466 37.83 1.28 -21.31
C LYS A 466 38.83 2.31 -20.81
N ALA A 467 39.11 3.30 -21.65
CA ALA A 467 40.02 4.38 -21.28
C ALA A 467 39.41 5.26 -20.19
N LEU A 468 38.09 5.46 -20.25
CA LEU A 468 37.38 6.34 -19.33
C LEU A 468 37.15 5.71 -17.95
N TYR A 469 36.80 4.43 -17.92
CA TYR A 469 36.38 3.73 -16.70
C TYR A 469 37.41 2.76 -16.11
N SER A 470 38.29 2.24 -16.96
CA SER A 470 39.31 1.18 -16.65
C SER A 470 38.78 -0.20 -16.35
N ASP A 471 37.82 -0.31 -15.45
CA ASP A 471 37.30 -1.62 -15.05
C ASP A 471 35.86 -1.73 -15.47
N ILE A 472 35.49 -2.81 -16.18
CA ILE A 472 34.10 -3.09 -16.53
C ILE A 472 33.18 -3.15 -15.30
N ASP A 473 33.74 -3.57 -14.15
CA ASP A 473 32.99 -3.67 -12.92
C ASP A 473 32.64 -2.33 -12.31
N VAL A 474 33.17 -1.23 -12.84
CA VAL A 474 32.70 0.10 -12.41
C VAL A 474 31.98 0.93 -13.49
N MET A 475 31.77 0.34 -14.66
CA MET A 475 30.91 0.92 -15.70
C MET A 475 29.55 1.29 -15.10
N GLU A 476 29.00 2.43 -15.49
CA GLU A 476 27.77 2.92 -14.92
C GLU A 476 26.53 2.42 -15.66
N LEU A 477 25.43 2.25 -14.94
CA LEU A 477 24.16 1.78 -15.48
C LEU A 477 23.64 2.62 -16.65
N TYR A 478 23.42 3.91 -16.42
CA TYR A 478 22.74 4.72 -17.44
C TYR A 478 23.46 4.79 -18.79
N PRO A 479 24.75 5.14 -18.80
CA PRO A 479 25.41 5.14 -20.11
C PRO A 479 25.49 3.74 -20.73
N ALA A 480 25.60 2.70 -19.89
CA ALA A 480 25.70 1.33 -20.40
C ALA A 480 24.45 0.95 -21.17
N LEU A 481 23.28 1.35 -20.65
CA LEU A 481 22.02 1.07 -21.30
C LEU A 481 21.95 1.69 -22.68
N LEU A 482 22.52 2.87 -22.85
CA LEU A 482 22.47 3.54 -24.14
C LEU A 482 23.56 3.10 -25.11
N VAL A 483 24.62 2.45 -24.62
CA VAL A 483 25.68 1.94 -25.51
C VAL A 483 25.63 0.43 -25.74
N GLU A 484 24.80 -0.26 -24.97
CA GLU A 484 24.71 -1.73 -25.00
C GLU A 484 24.45 -2.28 -26.41
N LYS A 485 25.08 -3.42 -26.72
CA LYS A 485 24.78 -4.11 -27.95
C LYS A 485 23.27 -4.41 -28.00
N PRO A 486 22.57 -3.94 -29.04
CA PRO A 486 21.13 -4.27 -29.03
C PRO A 486 20.92 -5.73 -29.38
N HIS A 487 19.80 -6.27 -28.90
CA HIS A 487 19.26 -7.51 -29.44
C HIS A 487 19.18 -7.35 -30.97
N PRO A 488 19.20 -8.48 -31.71
CA PRO A 488 19.21 -8.42 -33.20
C PRO A 488 18.06 -7.58 -33.78
N ASP A 489 18.42 -6.51 -34.47
CA ASP A 489 17.46 -5.60 -35.12
C ASP A 489 16.52 -4.97 -34.10
N ALA A 490 16.98 -4.81 -32.87
CA ALA A 490 16.11 -4.33 -31.83
C ALA A 490 16.48 -2.92 -31.38
N ILE A 491 15.52 -2.28 -30.70
CA ILE A 491 15.72 -0.97 -30.15
C ILE A 491 16.58 -1.02 -28.87
N PHE A 492 16.54 -2.13 -28.13
CA PHE A 492 17.20 -2.21 -26.81
C PHE A 492 18.17 -3.34 -26.74
N GLY A 493 18.97 -3.32 -25.68
CA GLY A 493 19.78 -4.46 -25.31
C GLY A 493 19.22 -5.19 -24.12
N GLU A 494 19.82 -6.32 -23.82
CA GLU A 494 19.44 -7.22 -22.75
C GLU A 494 19.15 -6.55 -21.40
N THR A 495 20.03 -5.64 -20.96
CA THR A 495 19.92 -5.08 -19.63
C THR A 495 18.67 -4.21 -19.52
N MET A 496 18.34 -3.47 -20.57
CA MET A 496 17.13 -2.63 -20.59
C MET A 496 15.89 -3.50 -20.39
N VAL A 497 15.85 -4.64 -21.11
CA VAL A 497 14.69 -5.52 -21.12
C VAL A 497 14.59 -6.24 -19.78
N GLU A 498 15.70 -6.76 -19.30
CA GLU A 498 15.69 -7.57 -18.08
C GLU A 498 15.45 -6.77 -16.81
N LEU A 499 15.70 -5.47 -16.85
CA LEU A 499 15.37 -4.64 -15.70
C LEU A 499 14.02 -3.99 -15.86
N GLY A 500 13.76 -3.45 -17.06
CA GLY A 500 12.54 -2.76 -17.35
C GLY A 500 11.28 -3.61 -17.25
N ALA A 501 11.36 -4.84 -17.75
CA ALA A 501 10.19 -5.73 -17.78
C ALA A 501 9.60 -5.99 -16.38
N PRO A 502 10.43 -6.48 -15.42
CA PRO A 502 9.78 -6.68 -14.08
C PRO A 502 9.24 -5.38 -13.47
N PHE A 503 9.94 -4.26 -13.64
CA PHE A 503 9.40 -3.01 -13.07
C PHE A 503 8.06 -2.67 -13.71
N SER A 504 7.95 -2.97 -15.00
CA SER A 504 6.77 -2.64 -15.80
CA SER A 504 6.75 -2.59 -15.74
C SER A 504 5.56 -3.45 -15.38
N LEU A 505 5.71 -4.76 -15.42
CA LEU A 505 4.55 -5.61 -15.18
C LEU A 505 4.05 -5.50 -13.73
N LYS A 506 5.00 -5.30 -12.83
CA LYS A 506 4.65 -5.03 -11.45
C LYS A 506 3.75 -3.80 -11.33
N GLY A 507 4.17 -2.70 -11.95
CA GLY A 507 3.41 -1.47 -11.91
C GLY A 507 2.09 -1.52 -12.69
N LEU A 508 1.97 -2.46 -13.62
CA LEU A 508 0.74 -2.60 -14.39
C LEU A 508 -0.27 -3.49 -13.69
N MET A 509 0.16 -4.68 -13.29
CA MET A 509 -0.71 -5.63 -12.63
C MET A 509 -0.91 -5.32 -11.12
N GLY A 510 0.00 -4.54 -10.55
N GLY A 510 -0.01 -4.52 -10.55
CA GLY A 510 -0.09 -4.17 -9.13
CA GLY A 510 -0.06 -4.16 -9.14
C GLY A 510 -1.30 -3.32 -8.84
C GLY A 510 -1.05 -3.05 -8.83
N ASN A 511 -1.78 -2.60 -9.85
CA ASN A 511 -2.85 -1.64 -9.69
C ASN A 511 -4.04 -2.29 -8.98
N PRO A 512 -4.74 -1.57 -8.11
CA PRO A 512 -5.85 -2.25 -7.43
C PRO A 512 -6.97 -2.68 -8.38
N ILE A 513 -7.10 -2.08 -9.56
CA ILE A 513 -8.22 -2.48 -10.42
C ILE A 513 -8.05 -3.93 -10.87
N CYS A 514 -6.82 -4.45 -10.77
CA CYS A 514 -6.51 -5.83 -11.15
C CYS A 514 -6.75 -6.86 -10.06
N SER A 515 -7.05 -6.39 -8.84
CA SER A 515 -7.33 -7.28 -7.72
C SER A 515 -8.71 -7.95 -7.84
N PRO A 516 -8.88 -9.15 -7.27
CA PRO A 516 -10.19 -9.84 -7.44
C PRO A 516 -11.39 -9.00 -7.02
N GLN A 517 -11.25 -8.21 -5.97
CA GLN A 517 -12.41 -7.43 -5.50
C GLN A 517 -12.72 -6.21 -6.40
N TYR A 518 -11.78 -5.81 -7.25
CA TYR A 518 -12.06 -4.74 -8.22
C TYR A 518 -12.38 -5.27 -9.60
N TRP A 519 -11.73 -6.37 -10.01
CA TRP A 519 -11.90 -6.92 -11.36
C TRP A 519 -13.26 -7.62 -11.58
N LYS A 520 -14.31 -6.82 -11.69
CA LYS A 520 -15.71 -7.25 -11.72
C LYS A 520 -16.46 -6.21 -12.54
N PRO A 521 -17.54 -6.61 -13.24
CA PRO A 521 -18.25 -5.59 -14.05
C PRO A 521 -18.88 -4.43 -13.25
N SER A 522 -19.41 -4.71 -12.05
CA SER A 522 -19.97 -3.65 -11.19
C SER A 522 -19.00 -2.51 -10.90
N THR A 523 -17.71 -2.81 -10.89
CA THR A 523 -16.68 -1.80 -10.58
C THR A 523 -16.69 -0.68 -11.60
N PHE A 524 -17.01 -1.04 -12.85
CA PHE A 524 -16.97 -0.17 -14.02
C PHE A 524 -18.34 0.21 -14.59
N GLY A 525 -19.38 0.13 -13.75
CA GLY A 525 -20.73 0.54 -14.15
C GLY A 525 -21.53 -0.51 -14.90
N GLY A 526 -21.06 -1.77 -14.87
CA GLY A 526 -21.76 -2.88 -15.49
C GLY A 526 -21.01 -3.42 -16.70
N GLU A 527 -21.66 -4.29 -17.47
CA GLU A 527 -20.97 -4.98 -18.57
C GLU A 527 -20.44 -4.00 -19.60
N VAL A 528 -21.18 -2.94 -19.86
CA VAL A 528 -20.78 -1.95 -20.87
C VAL A 528 -19.47 -1.20 -20.55
N GLY A 529 -19.29 -0.78 -19.31
CA GLY A 529 -18.04 -0.15 -18.90
C GLY A 529 -16.90 -1.15 -18.93
N PHE A 530 -17.17 -2.36 -18.44
CA PHE A 530 -16.16 -3.43 -18.42
C PHE A 530 -15.62 -3.70 -19.83
N LYS A 531 -16.52 -3.74 -20.82
CA LYS A 531 -16.19 -3.99 -22.23
C LYS A 531 -15.39 -2.88 -22.88
N ILE A 532 -15.61 -1.62 -22.45
CA ILE A 532 -14.73 -0.55 -22.90
C ILE A 532 -13.27 -0.92 -22.61
N ILE A 533 -13.02 -1.41 -21.39
CA ILE A 533 -11.66 -1.80 -21.01
C ILE A 533 -11.15 -2.96 -21.85
N ASN A 534 -11.93 -4.03 -21.91
CA ASN A 534 -11.41 -5.27 -22.53
C ASN A 534 -11.30 -5.28 -24.05
N THR A 535 -11.76 -4.21 -24.70
CA THR A 535 -11.63 -4.06 -26.16
C THR A 535 -10.77 -2.85 -26.55
N ALA A 536 -10.17 -2.19 -25.56
CA ALA A 536 -9.38 -0.98 -25.81
C ALA A 536 -8.11 -1.29 -26.61
N SER A 537 -7.74 -0.35 -27.47
CA SER A 537 -6.51 -0.48 -28.26
C SER A 537 -6.02 0.90 -28.61
N ILE A 538 -4.76 1.00 -29.02
CA ILE A 538 -4.26 2.30 -29.45
C ILE A 538 -5.07 2.78 -30.67
N GLN A 539 -5.43 1.84 -31.54
CA GLN A 539 -6.22 2.17 -32.71
C GLN A 539 -7.61 2.64 -32.29
N SER A 540 -8.27 1.93 -31.37
CA SER A 540 -9.61 2.37 -30.92
C SER A 540 -9.59 3.71 -30.19
N LEU A 541 -8.58 3.97 -29.35
CA LEU A 541 -8.44 5.30 -28.71
C LEU A 541 -8.42 6.45 -29.73
N ILE A 542 -7.64 6.28 -30.79
CA ILE A 542 -7.53 7.30 -31.82
C ILE A 542 -8.83 7.33 -32.63
N CYS A 543 -9.36 6.16 -32.97
CA CYS A 543 -10.55 6.09 -33.78
C CYS A 543 -11.77 6.79 -33.13
N ASN A 544 -11.95 6.58 -31.82
CA ASN A 544 -13.06 7.15 -31.09
C ASN A 544 -12.94 8.64 -30.80
N ASN A 545 -11.72 9.19 -30.88
CA ASN A 545 -11.48 10.54 -30.35
C ASN A 545 -10.84 11.51 -31.32
N VAL A 546 -10.47 11.02 -32.49
CA VAL A 546 -9.84 11.85 -33.49
C VAL A 546 -10.68 11.84 -34.76
N LYS A 547 -11.07 13.02 -35.20
CA LYS A 547 -11.89 13.22 -36.39
C LYS A 547 -11.31 12.47 -37.60
N GLY A 548 -12.19 11.70 -38.27
CA GLY A 548 -11.82 10.95 -39.45
C GLY A 548 -11.28 9.56 -39.14
N CYS A 549 -11.22 9.20 -37.85
CA CYS A 549 -10.70 7.92 -37.43
C CYS A 549 -9.47 7.48 -38.25
N PRO A 550 -8.33 8.20 -38.13
CA PRO A 550 -7.16 7.81 -38.90
C PRO A 550 -6.52 6.49 -38.42
N PHE A 551 -5.87 5.76 -39.32
CA PHE A 551 -5.14 4.59 -38.91
C PHE A 551 -3.98 5.02 -38.02
N THR A 552 -3.70 4.25 -36.98
CA THR A 552 -2.49 4.48 -36.21
C THR A 552 -1.94 3.15 -35.68
N SER A 553 -0.68 3.16 -35.26
CA SER A 553 -0.02 2.03 -34.59
C SER A 553 1.28 2.55 -34.01
N PHE A 554 1.95 1.71 -33.23
CA PHE A 554 3.24 2.08 -32.67
C PHE A 554 4.43 1.85 -33.64
N ASN A 555 4.17 1.24 -34.78
CA ASN A 555 5.23 1.05 -35.73
C ASN A 555 4.93 1.74 -37.05
N VAL A 556 5.97 2.23 -37.72
CA VAL A 556 5.83 2.70 -39.08
C VAL A 556 5.63 1.46 -39.95
N HIS B 6 -36.02 6.69 -4.69
CA HIS B 6 -34.81 6.38 -3.86
C HIS B 6 -33.86 5.37 -4.50
N HIS B 7 -32.67 5.22 -3.96
CA HIS B 7 -31.72 4.25 -4.48
C HIS B 7 -32.29 2.83 -4.51
N PRO B 8 -32.29 2.18 -5.69
CA PRO B 8 -32.84 0.82 -5.85
C PRO B 8 -32.15 -0.24 -4.98
N CYS B 9 -31.03 0.10 -4.36
CA CYS B 9 -30.25 -0.88 -3.56
C CYS B 9 -30.49 -0.73 -2.05
N CYS B 10 -31.39 0.19 -1.69
CA CYS B 10 -31.67 0.52 -0.30
C CYS B 10 -32.01 -0.70 0.54
N SER B 11 -32.68 -1.67 -0.08
CA SER B 11 -33.18 -2.85 0.62
C SER B 11 -32.09 -3.92 0.83
N ASN B 12 -30.87 -3.62 0.36
CA ASN B 12 -29.75 -4.58 0.33
C ASN B 12 -30.14 -5.95 -0.23
N PRO B 13 -30.57 -6.00 -1.50
CA PRO B 13 -31.08 -7.24 -2.09
C PRO B 13 -30.02 -8.30 -2.39
N CYS B 14 -28.80 -7.90 -2.72
CA CYS B 14 -27.75 -8.86 -3.08
C CYS B 14 -27.16 -9.55 -1.87
N GLN B 15 -27.17 -10.88 -1.89
CA GLN B 15 -26.67 -11.69 -0.79
C GLN B 15 -25.29 -12.30 -1.10
N ASN B 16 -24.63 -12.80 -0.07
CA ASN B 16 -23.39 -13.58 -0.21
C ASN B 16 -22.17 -12.82 -0.80
N ARG B 17 -22.04 -11.55 -0.43
CA ARG B 17 -20.96 -10.69 -0.92
C ARG B 17 -21.19 -10.21 -2.35
N GLY B 18 -22.42 -10.39 -2.88
CA GLY B 18 -22.77 -9.85 -4.21
C GLY B 18 -22.78 -8.33 -4.12
N GLU B 19 -22.46 -7.65 -5.21
CA GLU B 19 -22.42 -6.19 -5.21
C GLU B 19 -23.69 -5.65 -5.84
N CYS B 20 -24.29 -4.64 -5.23
CA CYS B 20 -25.46 -4.01 -5.79
C CYS B 20 -25.11 -2.76 -6.62
N MET B 21 -25.82 -2.59 -7.74
CA MET B 21 -25.61 -1.45 -8.65
C MET B 21 -26.96 -1.03 -9.19
N SER B 22 -27.23 0.26 -9.29
CA SER B 22 -28.49 0.69 -9.90
C SER B 22 -28.40 0.47 -11.41
N THR B 23 -29.54 0.20 -12.05
CA THR B 23 -29.62 0.10 -13.51
C THR B 23 -30.86 0.88 -13.96
N GLY B 24 -30.86 2.19 -13.77
CA GLY B 24 -32.02 3.01 -14.04
C GLY B 24 -32.50 3.52 -12.70
N PHE B 25 -33.59 4.30 -12.68
CA PHE B 25 -34.06 4.92 -11.44
C PHE B 25 -34.68 3.95 -10.42
N ASP B 26 -35.22 2.84 -10.91
CA ASP B 26 -36.10 1.97 -10.14
C ASP B 26 -35.66 0.51 -10.11
N GLN B 27 -34.52 0.19 -10.73
CA GLN B 27 -34.07 -1.21 -10.81
C GLN B 27 -32.60 -1.37 -10.42
N TYR B 28 -32.22 -2.60 -10.02
CA TYR B 28 -30.86 -2.89 -9.63
C TYR B 28 -30.44 -4.15 -10.32
N LYS B 29 -29.14 -4.36 -10.37
CA LYS B 29 -28.54 -5.62 -10.77
C LYS B 29 -27.54 -6.06 -9.68
N CYS B 30 -27.43 -7.37 -9.45
CA CYS B 30 -26.44 -7.89 -8.51
C CYS B 30 -25.25 -8.48 -9.27
N ASP B 31 -24.04 -8.06 -8.92
CA ASP B 31 -22.85 -8.67 -9.48
C ASP B 31 -22.40 -9.82 -8.55
N CYS B 32 -22.59 -11.05 -9.02
CA CYS B 32 -22.29 -12.28 -8.25
C CYS B 32 -20.93 -12.92 -8.58
N THR B 33 -20.08 -12.19 -9.29
CA THR B 33 -18.72 -12.68 -9.58
C THR B 33 -17.96 -13.19 -8.34
N ARG B 34 -17.47 -14.43 -8.45
CA ARG B 34 -16.68 -15.10 -7.43
C ARG B 34 -17.34 -15.30 -6.05
N THR B 35 -18.63 -15.05 -5.96
CA THR B 35 -19.37 -15.29 -4.69
C THR B 35 -19.66 -16.78 -4.45
N GLY B 36 -19.66 -17.56 -5.53
CA GLY B 36 -20.08 -18.96 -5.48
C GLY B 36 -21.60 -19.13 -5.54
N PHE B 37 -22.29 -18.06 -5.89
CA PHE B 37 -23.75 -17.99 -6.02
C PHE B 37 -24.13 -17.28 -7.31
N TYR B 38 -25.30 -17.61 -7.87
CA TYR B 38 -25.90 -16.83 -8.95
C TYR B 38 -27.39 -16.56 -8.67
N GLY B 39 -28.09 -16.04 -9.68
CA GLY B 39 -29.49 -15.68 -9.54
C GLY B 39 -29.60 -14.17 -9.42
N GLU B 40 -30.82 -13.65 -9.44
CA GLU B 40 -31.06 -12.22 -9.34
C GLU B 40 -30.34 -11.59 -8.13
N ASN B 41 -30.36 -12.30 -7.00
CA ASN B 41 -29.91 -11.76 -5.73
C ASN B 41 -28.70 -12.50 -5.18
N CYS B 42 -28.04 -13.27 -6.05
CA CYS B 42 -26.94 -14.16 -5.67
C CYS B 42 -27.33 -15.06 -4.49
N THR B 43 -28.46 -15.76 -4.62
CA THR B 43 -28.89 -16.67 -3.56
C THR B 43 -28.93 -18.15 -3.99
N THR B 44 -28.63 -18.43 -5.26
CA THR B 44 -28.62 -19.80 -5.74
C THR B 44 -27.18 -20.34 -5.82
N PRO B 45 -26.86 -21.34 -4.96
CA PRO B 45 -25.50 -21.86 -4.84
C PRO B 45 -25.06 -22.70 -6.02
N GLU B 46 -23.82 -22.49 -6.47
CA GLU B 46 -23.17 -23.37 -7.43
C GLU B 46 -22.88 -24.72 -6.78
N PHE B 47 -22.59 -25.74 -7.61
CA PHE B 47 -22.49 -27.09 -7.07
C PHE B 47 -21.36 -27.29 -6.04
N LEU B 48 -20.16 -26.80 -6.35
CA LEU B 48 -19.04 -26.83 -5.41
C LEU B 48 -19.36 -26.10 -4.10
N THR B 49 -20.21 -25.07 -4.19
CA THR B 49 -20.62 -24.27 -3.03
C THR B 49 -21.55 -25.07 -2.12
N ARG B 50 -22.49 -25.79 -2.73
CA ARG B 50 -23.34 -26.73 -1.99
C ARG B 50 -22.49 -27.72 -1.20
N ILE B 51 -21.46 -28.28 -1.82
CA ILE B 51 -20.54 -29.21 -1.15
C ILE B 51 -19.70 -28.53 -0.06
N LYS B 52 -19.27 -27.28 -0.30
CA LYS B 52 -18.53 -26.54 0.73
C LYS B 52 -19.40 -26.20 1.96
N LEU B 53 -20.66 -25.83 1.72
CA LEU B 53 -21.58 -25.42 2.78
C LEU B 53 -22.10 -26.55 3.72
N LEU B 54 -22.30 -27.76 3.19
CA LEU B 54 -22.74 -28.89 4.02
CA LEU B 54 -22.74 -28.88 4.03
C LEU B 54 -21.58 -29.38 4.89
N LEU B 55 -20.36 -29.22 4.39
CA LEU B 55 -19.16 -29.66 5.10
C LEU B 55 -18.46 -28.58 5.96
N LYS B 56 -18.89 -27.31 5.84
CA LYS B 56 -18.26 -26.22 6.61
C LYS B 56 -18.82 -26.12 8.04
N PRO B 57 -17.94 -26.26 9.05
CA PRO B 57 -18.38 -26.12 10.46
C PRO B 57 -18.87 -24.69 10.78
N THR B 58 -19.83 -24.58 11.69
CA THR B 58 -20.31 -23.26 12.15
C THR B 58 -19.20 -22.54 12.96
N PRO B 59 -19.12 -21.20 12.84
CA PRO B 59 -18.17 -20.47 13.68
C PRO B 59 -18.23 -20.85 15.17
N ASN B 60 -19.41 -21.20 15.66
CA ASN B 60 -19.57 -21.59 17.07
C ASN B 60 -19.09 -23.00 17.38
N THR B 61 -18.98 -23.84 16.38
CA THR B 61 -18.41 -25.17 16.53
C THR B 61 -16.89 -25.07 16.61
N VAL B 62 -16.30 -24.29 15.70
CA VAL B 62 -14.85 -24.04 15.72
C VAL B 62 -14.43 -23.43 17.05
N HIS B 63 -15.22 -22.47 17.54
CA HIS B 63 -15.00 -21.86 18.86
C HIS B 63 -15.06 -22.86 19.99
N TYR B 64 -16.03 -23.77 19.94
CA TYR B 64 -16.18 -24.75 21.02
C TYR B 64 -14.97 -25.70 21.08
N ILE B 65 -14.53 -26.17 19.92
CA ILE B 65 -13.38 -27.06 19.82
C ILE B 65 -12.10 -26.42 20.40
N LEU B 66 -11.86 -25.15 20.06
CA LEU B 66 -10.68 -24.41 20.56
C LEU B 66 -10.74 -24.03 22.05
N THR B 67 -11.93 -24.04 22.65
CA THR B 67 -12.10 -23.64 24.05
C THR B 67 -12.41 -24.83 24.98
N HIS B 68 -12.30 -26.04 24.45
CA HIS B 68 -12.51 -27.26 25.21
C HIS B 68 -11.40 -28.23 24.87
N PHE B 69 -11.41 -29.42 25.48
CA PHE B 69 -10.39 -30.45 25.26
C PHE B 69 -9.00 -29.98 25.62
N LYS B 70 -8.88 -29.29 26.77
CA LYS B 70 -7.60 -28.74 27.22
C LYS B 70 -6.51 -29.80 27.22
N GLY B 71 -6.93 -31.04 27.45
CA GLY B 71 -6.03 -32.19 27.42
C GLY B 71 -5.44 -32.46 26.05
N VAL B 72 -6.28 -32.42 25.02
CA VAL B 72 -5.81 -32.62 23.65
C VAL B 72 -4.96 -31.43 23.19
N TRP B 73 -5.34 -30.21 23.56
CA TRP B 73 -4.54 -29.05 23.19
C TRP B 73 -3.14 -29.03 23.82
N ASN B 74 -3.00 -29.56 25.04
CA ASN B 74 -1.68 -29.65 25.69
C ASN B 74 -0.71 -30.53 24.90
N ILE B 75 -1.27 -31.54 24.22
CA ILE B 75 -0.52 -32.39 23.31
C ILE B 75 -0.18 -31.61 22.03
N VAL B 76 -1.22 -31.18 21.30
CA VAL B 76 -1.09 -30.34 20.11
C VAL B 76 -0.05 -29.20 20.30
N ASN B 77 -0.09 -28.53 21.44
CA ASN B 77 0.82 -27.40 21.72
C ASN B 77 2.28 -27.79 21.87
N ASN B 78 2.55 -29.09 21.99
CA ASN B 78 3.90 -29.59 22.14
C ASN B 78 4.43 -30.37 20.92
N ILE B 79 3.68 -30.34 19.83
CA ILE B 79 4.15 -30.89 18.56
C ILE B 79 4.30 -29.72 17.61
N PRO B 80 5.52 -29.13 17.53
CA PRO B 80 5.78 -27.96 16.67
C PRO B 80 5.11 -28.05 15.29
N PHE B 81 5.28 -29.16 14.59
CA PHE B 81 4.67 -29.32 13.28
C PHE B 81 3.13 -29.17 13.28
N LEU B 82 2.49 -29.69 14.32
CA LEU B 82 1.03 -29.58 14.46
C LEU B 82 0.60 -28.17 14.89
N ARG B 83 1.35 -27.57 15.83
CA ARG B 83 1.11 -26.19 16.21
C ARG B 83 1.22 -25.27 14.99
N SER B 84 2.28 -25.44 14.20
CA SER B 84 2.38 -24.68 12.95
C SER B 84 1.16 -24.85 12.07
N LEU B 85 0.74 -26.10 11.88
CA LEU B 85 -0.36 -26.42 10.97
C LEU B 85 -1.65 -25.74 11.39
N ILE B 86 -1.97 -25.78 12.69
CA ILE B 86 -3.20 -25.19 13.21
C ILE B 86 -3.15 -23.65 13.13
N MET B 87 -2.05 -23.06 13.57
CA MET B 87 -1.88 -21.61 13.45
C MET B 87 -1.99 -21.17 11.99
N LYS B 88 -1.54 -22.00 11.06
CA LYS B 88 -1.67 -21.70 9.65
C LYS B 88 -3.16 -21.59 9.28
N TYR B 89 -3.96 -22.55 9.72
CA TYR B 89 -5.41 -22.53 9.49
C TYR B 89 -6.09 -21.31 10.12
N VAL B 90 -5.73 -21.02 11.38
CA VAL B 90 -6.26 -19.87 12.11
C VAL B 90 -6.05 -18.56 11.33
N LEU B 91 -4.88 -18.43 10.72
CA LEU B 91 -4.53 -17.26 9.92
C LEU B 91 -5.26 -17.15 8.58
N THR B 92 -5.38 -18.26 7.85
CA THR B 92 -5.92 -18.22 6.48
C THR B 92 -7.43 -18.27 6.41
N SER B 93 -8.07 -18.99 7.34
CA SER B 93 -9.54 -19.05 7.37
C SER B 93 -10.21 -17.68 7.57
N ARG B 94 -9.51 -16.76 8.19
CA ARG B 94 -9.99 -15.40 8.40
C ARG B 94 -9.77 -14.54 7.14
N SER B 95 -8.58 -14.69 6.54
CA SER B 95 -8.07 -13.81 5.48
C SER B 95 -9.10 -13.34 4.44
N TYR B 96 -9.88 -14.28 3.90
CA TYR B 96 -10.78 -13.98 2.77
C TYR B 96 -11.88 -12.99 3.07
N LEU B 97 -12.11 -12.69 4.35
CA LEU B 97 -13.20 -11.82 4.74
C LEU B 97 -12.96 -10.34 4.55
N ILE B 98 -11.70 -9.92 4.47
CA ILE B 98 -11.36 -8.48 4.38
C ILE B 98 -10.94 -8.06 2.96
N ASP B 99 -11.54 -6.98 2.44
CA ASP B 99 -11.15 -6.45 1.12
C ASP B 99 -9.76 -5.82 1.21
N SER B 100 -8.82 -6.30 0.40
CA SER B 100 -7.46 -5.77 0.39
C SER B 100 -6.86 -5.96 -1.00
N PRO B 101 -6.62 -4.88 -1.74
CA PRO B 101 -6.86 -3.44 -1.58
C PRO B 101 -8.25 -3.11 -1.08
N PRO B 102 -8.38 -2.10 -0.22
CA PRO B 102 -9.67 -1.73 0.36
C PRO B 102 -10.60 -1.10 -0.68
N THR B 103 -11.89 -0.98 -0.32
CA THR B 103 -12.90 -0.57 -1.28
C THR B 103 -13.64 0.68 -0.83
N TYR B 104 -14.75 0.49 -0.12
CA TYR B 104 -15.65 1.57 0.22
C TYR B 104 -15.16 2.49 1.33
N ASN B 105 -15.81 3.65 1.45
CA ASN B 105 -15.68 4.46 2.65
C ASN B 105 -16.98 5.25 2.86
N VAL B 106 -16.98 6.18 3.83
CA VAL B 106 -18.17 6.94 4.20
C VAL B 106 -18.76 7.73 3.03
N HIS B 107 -17.90 8.17 2.10
CA HIS B 107 -18.34 8.94 0.94
C HIS B 107 -18.54 8.11 -0.32
N TYR B 108 -18.00 6.89 -0.33
CA TYR B 108 -18.05 6.05 -1.52
C TYR B 108 -18.68 4.69 -1.24
N GLY B 109 -19.95 4.56 -1.61
CA GLY B 109 -20.63 3.28 -1.57
C GLY B 109 -20.43 2.50 -2.87
N TYR B 110 -19.54 3.01 -3.73
CA TYR B 110 -19.12 2.27 -4.93
C TYR B 110 -17.60 2.37 -4.95
N LYS B 111 -16.92 1.48 -5.69
CA LYS B 111 -15.45 1.56 -5.76
C LYS B 111 -15.04 2.77 -6.57
N SER B 112 -14.01 3.47 -6.08
CA SER B 112 -13.49 4.66 -6.76
C SER B 112 -12.01 4.85 -6.46
N TRP B 113 -11.32 5.52 -7.36
CA TRP B 113 -9.91 5.79 -7.14
C TRP B 113 -9.77 6.68 -5.90
N GLU B 114 -10.74 7.58 -5.69
CA GLU B 114 -10.71 8.42 -4.50
C GLU B 114 -10.72 7.60 -3.22
N ALA B 115 -11.64 6.66 -3.08
CA ALA B 115 -11.68 5.79 -1.92
C ALA B 115 -10.44 4.91 -1.83
N PHE B 116 -9.89 4.48 -2.96
CA PHE B 116 -8.68 3.67 -2.87
C PHE B 116 -7.48 4.51 -2.42
N SER B 117 -7.32 5.72 -2.98
CA SER B 117 -6.03 6.40 -2.85
C SER B 117 -5.93 7.32 -1.62
N ASN B 118 -7.05 7.69 -1.03
CA ASN B 118 -7.07 8.70 0.00
C ASN B 118 -6.94 8.07 1.40
N LEU B 119 -5.76 8.18 1.99
CA LEU B 119 -5.42 7.53 3.25
C LEU B 119 -6.10 8.16 4.45
N SER B 120 -6.67 9.35 4.27
CA SER B 120 -7.35 10.06 5.35
C SER B 120 -8.70 9.47 5.72
N TYR B 121 -9.25 8.62 4.87
CA TYR B 121 -10.49 7.92 5.22
C TYR B 121 -10.18 6.64 5.97
N TYR B 122 -11.00 6.32 6.97
CA TYR B 122 -11.15 4.92 7.37
C TYR B 122 -11.87 4.24 6.19
N THR B 123 -11.51 2.99 5.91
CA THR B 123 -12.20 2.24 4.89
C THR B 123 -13.47 1.66 5.51
N ARG B 124 -14.27 0.94 4.73
CA ARG B 124 -15.56 0.46 5.16
C ARG B 124 -15.78 -0.98 4.71
N ALA B 125 -16.11 -1.87 5.64
CA ALA B 125 -16.38 -3.26 5.31
C ALA B 125 -17.71 -3.44 4.59
N LEU B 126 -18.68 -2.57 4.89
CA LEU B 126 -19.91 -2.48 4.14
C LEU B 126 -20.10 -1.03 3.71
N PRO B 127 -20.64 -0.82 2.49
CA PRO B 127 -20.89 0.53 2.01
C PRO B 127 -21.94 1.20 2.89
N PRO B 128 -21.91 2.53 2.98
CA PRO B 128 -22.94 3.26 3.72
C PRO B 128 -24.32 3.10 3.08
N VAL B 129 -25.36 3.16 3.90
CA VAL B 129 -26.71 3.27 3.41
C VAL B 129 -26.80 4.55 2.58
N ALA B 130 -27.41 4.50 1.40
CA ALA B 130 -27.53 5.68 0.57
C ALA B 130 -28.30 6.84 1.25
N ASP B 131 -27.93 8.07 0.90
CA ASP B 131 -28.51 9.28 1.49
C ASP B 131 -30.02 9.38 1.33
N ASP B 132 -30.58 8.84 0.25
CA ASP B 132 -32.03 8.99 0.02
C ASP B 132 -32.90 7.79 0.39
N CYS B 133 -32.34 6.77 1.07
CA CYS B 133 -33.16 5.66 1.53
C CYS B 133 -34.36 6.11 2.39
N PRO B 134 -35.50 5.39 2.29
CA PRO B 134 -36.71 5.78 3.04
C PRO B 134 -36.62 5.54 4.55
N THR B 135 -35.78 4.60 4.99
CA THR B 135 -35.53 4.42 6.42
C THR B 135 -34.04 4.46 6.68
N PRO B 136 -33.63 4.80 7.92
CA PRO B 136 -32.22 4.86 8.24
C PRO B 136 -31.41 3.65 7.79
N MET B 137 -32.00 2.46 7.89
CA MET B 137 -31.28 1.23 7.56
C MET B 137 -31.48 0.77 6.10
N GLY B 138 -32.36 1.44 5.38
CA GLY B 138 -32.68 1.04 4.02
C GLY B 138 -34.16 1.14 3.73
N VAL B 139 -34.90 0.06 3.99
CA VAL B 139 -36.36 0.05 3.77
C VAL B 139 -37.14 -0.45 5.00
N LYS B 140 -36.54 -1.37 5.78
CA LYS B 140 -37.20 -1.90 6.98
C LYS B 140 -37.13 -0.92 8.17
N GLY B 141 -38.01 -1.12 9.15
CA GLY B 141 -38.00 -0.30 10.36
C GLY B 141 -38.78 0.99 10.24
N ASN B 142 -38.75 1.79 11.31
CA ASN B 142 -39.46 3.08 11.34
C ASN B 142 -38.70 4.20 10.59
N LYS B 143 -39.36 5.35 10.43
CA LYS B 143 -38.79 6.53 9.76
C LYS B 143 -37.58 7.07 10.53
N GLU B 144 -37.65 7.00 11.86
CA GLU B 144 -36.51 7.34 12.73
C GLU B 144 -36.07 6.14 13.56
N LEU B 145 -34.78 6.06 13.82
CA LEU B 145 -34.26 5.14 14.79
C LEU B 145 -34.59 5.68 16.19
N PRO B 146 -34.57 4.79 17.21
CA PRO B 146 -34.86 5.23 18.58
C PRO B 146 -33.87 6.28 19.03
N ASP B 147 -34.32 7.20 19.87
CA ASP B 147 -33.40 8.12 20.53
C ASP B 147 -32.18 7.36 21.09
N SER B 148 -30.99 7.85 20.79
CA SER B 148 -29.77 7.18 21.22
C SER B 148 -29.62 7.24 22.76
N LYS B 149 -30.10 8.32 23.36
CA LYS B 149 -30.18 8.45 24.82
C LYS B 149 -31.00 7.32 25.46
N GLU B 150 -32.12 6.93 24.83
CA GLU B 150 -32.92 5.82 25.32
C GLU B 150 -32.25 4.46 25.14
N VAL B 151 -31.60 4.26 24.00
CA VAL B 151 -30.91 3.00 23.78
C VAL B 151 -29.82 2.88 24.84
N LEU B 152 -29.12 4.00 25.06
CA LEU B 152 -28.02 4.08 26.02
C LEU B 152 -28.48 3.79 27.44
N GLU B 153 -29.52 4.50 27.89
CA GLU B 153 -30.02 4.38 29.25
C GLU B 153 -30.68 3.04 29.55
N LYS B 154 -31.41 2.50 28.57
CA LYS B 154 -32.15 1.26 28.79
C LYS B 154 -31.28 0.00 28.83
N VAL B 155 -30.25 -0.10 27.97
CA VAL B 155 -29.53 -1.36 27.86
C VAL B 155 -28.01 -1.29 27.91
N LEU B 156 -27.44 -0.09 27.98
CA LEU B 156 -26.00 0.06 27.90
C LEU B 156 -25.35 0.48 29.22
N LEU B 157 -25.95 1.45 29.90
CA LEU B 157 -25.36 2.02 31.10
C LEU B 157 -25.25 1.04 32.26
N ARG B 158 -24.15 1.17 33.00
CA ARG B 158 -23.85 0.31 34.14
C ARG B 158 -24.71 0.64 35.36
N ARG B 159 -25.39 -0.38 35.86
CA ARG B 159 -25.98 -0.35 37.19
C ARG B 159 -24.90 -0.87 38.13
N GLU B 160 -24.97 -2.15 38.51
CA GLU B 160 -23.87 -2.82 39.24
C GLU B 160 -22.74 -3.11 38.25
N PHE B 161 -21.51 -2.90 38.67
CA PHE B 161 -20.31 -3.28 37.91
C PHE B 161 -20.32 -4.79 37.61
N ILE B 162 -20.02 -5.17 36.37
CA ILE B 162 -20.03 -6.59 36.02
C ILE B 162 -18.60 -6.94 35.63
N PRO B 163 -17.93 -7.74 36.48
CA PRO B 163 -16.52 -7.98 36.24
C PRO B 163 -16.41 -8.96 35.09
N ASP B 164 -15.26 -8.97 34.44
CA ASP B 164 -15.08 -9.86 33.32
C ASP B 164 -14.82 -11.27 33.86
N PRO B 165 -15.66 -12.26 33.50
CA PRO B 165 -15.46 -13.64 33.98
C PRO B 165 -14.18 -14.29 33.43
N GLN B 166 -13.69 -13.80 32.28
CA GLN B 166 -12.41 -14.26 31.73
C GLN B 166 -11.20 -13.77 32.54
N GLY B 167 -11.43 -12.84 33.45
CA GLY B 167 -10.38 -12.34 34.31
C GLY B 167 -9.51 -11.23 33.76
N SER B 168 -9.96 -10.52 32.70
CA SER B 168 -9.16 -9.42 32.14
C SER B 168 -8.86 -8.40 33.23
N ASN B 169 -7.60 -7.95 33.31
CA ASN B 169 -7.23 -6.94 34.30
C ASN B 169 -7.04 -5.52 33.70
N MET B 170 -6.57 -4.57 34.51
CA MET B 170 -6.36 -3.22 34.03
C MET B 170 -5.09 -3.11 33.16
N MET B 171 -4.13 -4.04 33.31
CA MET B 171 -2.98 -4.09 32.42
C MET B 171 -3.51 -4.34 31.02
N PHE B 172 -4.54 -5.18 30.93
CA PHE B 172 -5.14 -5.51 29.66
C PHE B 172 -5.92 -4.33 29.07
N ALA B 173 -6.78 -3.69 29.88
CA ALA B 173 -7.63 -2.60 29.41
C ALA B 173 -6.78 -1.43 28.90
N PHE B 174 -5.78 -1.03 29.67
CA PHE B 174 -4.84 0.01 29.22
C PHE B 174 -3.96 -0.41 28.06
N PHE B 175 -3.66 -1.69 27.95
CA PHE B 175 -2.88 -2.11 26.81
C PHE B 175 -3.74 -2.01 25.56
N ALA B 176 -4.98 -2.46 25.66
CA ALA B 176 -5.94 -2.32 24.58
C ALA B 176 -6.01 -0.87 24.17
N GLN B 177 -6.13 0.02 25.16
CA GLN B 177 -6.32 1.42 24.84
C GLN B 177 -5.09 2.00 24.14
N HIS B 178 -3.92 1.71 24.70
CA HIS B 178 -2.66 2.21 24.18
C HIS B 178 -2.35 1.67 22.77
N PHE B 179 -2.34 0.35 22.67
CA PHE B 179 -2.13 -0.30 21.40
C PHE B 179 -3.06 0.21 20.29
N THR B 180 -4.37 0.23 20.53
CA THR B 180 -5.29 0.53 19.43
C THR B 180 -5.26 2.00 19.05
N HIS B 181 -4.81 2.83 19.97
CA HIS B 181 -4.77 4.27 19.68
C HIS B 181 -3.63 4.75 18.79
N GLN B 182 -2.83 3.81 18.30
CA GLN B 182 -1.94 4.14 17.19
C GLN B 182 -2.69 4.12 15.85
N PHE B 183 -3.74 3.30 15.73
CA PHE B 183 -4.45 3.21 14.46
C PHE B 183 -5.88 3.72 14.47
N PHE B 184 -6.42 4.01 15.66
CA PHE B 184 -7.71 4.67 15.76
C PHE B 184 -7.43 6.11 16.24
N LYS B 185 -7.43 7.06 15.32
CA LYS B 185 -7.06 8.42 15.63
C LYS B 185 -7.97 9.28 14.79
N THR B 186 -9.24 9.29 15.13
CA THR B 186 -10.24 9.99 14.35
C THR B 186 -9.89 11.49 14.19
N ASP B 187 -10.10 12.00 12.98
CA ASP B 187 -9.77 13.38 12.66
C ASP B 187 -11.06 14.13 12.79
N HIS B 188 -11.31 14.65 13.97
CA HIS B 188 -12.57 15.39 14.26
C HIS B 188 -12.80 16.66 13.45
N LYS B 189 -11.72 17.36 13.09
CA LYS B 189 -11.86 18.45 12.13
C LYS B 189 -12.63 18.00 10.87
N ARG B 190 -12.37 16.79 10.37
CA ARG B 190 -12.96 16.33 9.10
C ARG B 190 -14.26 15.56 9.30
N GLY B 191 -14.33 14.76 10.35
CA GLY B 191 -15.49 13.95 10.59
C GLY B 191 -15.16 12.58 11.09
N PRO B 192 -16.17 11.88 11.59
CA PRO B 192 -15.97 10.57 12.19
C PRO B 192 -15.45 9.49 11.23
N GLY B 193 -15.66 9.64 9.92
CA GLY B 193 -15.14 8.67 8.96
C GLY B 193 -13.70 8.88 8.49
N PHE B 194 -13.00 9.84 9.12
CA PHE B 194 -11.64 10.21 8.76
C PHE B 194 -10.64 9.92 9.89
N THR B 195 -9.41 9.62 9.48
CA THR B 195 -8.38 9.23 10.42
C THR B 195 -7.13 10.08 10.26
N ARG B 196 -6.45 10.33 11.37
CA ARG B 196 -5.12 10.95 11.32
C ARG B 196 -4.00 9.89 11.24
N GLY B 197 -4.33 8.62 11.38
CA GLY B 197 -3.34 7.54 11.35
C GLY B 197 -3.12 7.03 9.93
N LEU B 198 -2.32 7.76 9.16
CA LEU B 198 -2.17 7.47 7.74
C LEU B 198 -1.35 6.21 7.45
N GLY B 199 -0.63 5.69 8.44
CA GLY B 199 0.11 4.46 8.30
C GLY B 199 -0.83 3.26 8.36
N HIS B 200 -2.01 3.48 8.89
CA HIS B 200 -3.07 2.48 8.93
C HIS B 200 -2.68 1.14 9.58
N GLY B 201 -2.00 1.18 10.72
CA GLY B 201 -1.64 -0.09 11.36
C GLY B 201 -0.60 0.06 12.45
N VAL B 202 0.10 -1.05 12.69
CA VAL B 202 1.08 -1.08 13.76
C VAL B 202 2.41 -0.48 13.25
N ASP B 203 2.50 0.84 13.26
CA ASP B 203 3.72 1.55 12.89
C ASP B 203 4.40 2.20 14.10
N LEU B 204 3.77 2.07 15.27
CA LEU B 204 4.18 2.68 16.54
C LEU B 204 4.24 4.21 16.55
N ASN B 205 3.43 4.87 15.72
CA ASN B 205 3.40 6.34 15.71
C ASN B 205 3.00 6.90 17.08
N HIS B 206 2.29 6.10 17.88
CA HIS B 206 1.93 6.46 19.25
C HIS B 206 3.17 6.58 20.18
N ILE B 207 4.31 6.10 19.71
CA ILE B 207 5.58 6.22 20.42
C ILE B 207 6.50 7.22 19.68
N TYR B 208 6.53 7.12 18.36
CA TYR B 208 7.49 7.87 17.56
C TYR B 208 6.92 9.13 16.90
N GLY B 209 5.60 9.30 16.97
CA GLY B 209 4.97 10.42 16.27
C GLY B 209 4.61 10.04 14.83
N GLU B 210 3.50 10.59 14.38
CA GLU B 210 2.94 10.36 13.08
C GLU B 210 3.76 11.01 11.97
N THR B 211 4.36 12.16 12.24
CA THR B 211 5.09 12.93 11.21
C THR B 211 6.58 12.99 11.57
N LEU B 212 7.41 13.22 10.56
CA LEU B 212 8.82 13.15 10.72
C LEU B 212 9.28 14.27 11.64
N ASP B 213 8.60 15.41 11.52
CA ASP B 213 8.85 16.59 12.32
C ASP B 213 8.61 16.31 13.80
N ARG B 214 7.53 15.58 14.11
CA ARG B 214 7.27 15.20 15.50
C ARG B 214 8.31 14.21 16.03
N GLN B 215 8.69 13.25 15.19
CA GLN B 215 9.70 12.23 15.55
C GLN B 215 11.05 12.88 15.87
N HIS B 216 11.45 13.80 14.99
CA HIS B 216 12.67 14.52 15.19
C HIS B 216 12.66 15.32 16.49
N LYS B 217 11.53 15.89 16.92
CA LYS B 217 11.49 16.63 18.18
C LYS B 217 11.55 15.70 19.42
N LEU B 218 11.14 14.45 19.23
CA LEU B 218 11.13 13.46 20.31
C LEU B 218 12.46 12.70 20.42
N ARG B 219 13.27 12.73 19.36
CA ARG B 219 14.52 11.99 19.32
C ARG B 219 15.67 12.74 19.95
N LEU B 220 16.53 11.98 20.61
CA LEU B 220 17.73 12.50 21.23
C LEU B 220 18.84 12.76 20.22
N PHE B 221 18.88 11.98 19.12
CA PHE B 221 19.98 12.06 18.11
C PHE B 221 21.34 11.64 18.65
N LYS B 222 21.31 10.90 19.75
CA LYS B 222 22.48 10.22 20.26
C LYS B 222 22.06 8.78 20.49
N ASP B 223 22.89 7.83 20.02
CA ASP B 223 22.71 6.40 20.28
C ASP B 223 21.36 5.80 19.84
N GLY B 224 20.63 6.51 18.96
CA GLY B 224 19.35 6.04 18.44
C GLY B 224 18.21 6.34 19.37
N LYS B 225 18.51 7.00 20.49
CA LYS B 225 17.59 7.03 21.59
C LYS B 225 16.48 8.08 21.42
N LEU B 226 15.43 7.95 22.21
CA LEU B 226 14.41 8.99 22.36
C LEU B 226 14.72 9.88 23.56
N LYS B 227 14.35 11.15 23.48
CA LYS B 227 14.49 12.06 24.62
C LYS B 227 13.72 11.53 25.84
N TYR B 228 14.25 11.82 27.01
CA TYR B 228 13.64 11.41 28.26
C TYR B 228 14.08 12.40 29.38
N GLN B 229 13.49 12.25 30.56
CA GLN B 229 13.94 13.01 31.73
C GLN B 229 14.09 12.01 32.85
N VAL B 230 14.90 12.34 33.86
CA VAL B 230 15.07 11.51 35.04
C VAL B 230 14.44 12.16 36.27
N ILE B 231 13.39 11.52 36.79
CA ILE B 231 12.73 12.01 38.00
C ILE B 231 12.86 11.03 39.17
N GLY B 232 13.62 11.41 40.19
CA GLY B 232 13.87 10.55 41.36
C GLY B 232 14.52 9.26 40.92
N GLY B 233 15.45 9.37 39.95
CA GLY B 233 16.20 8.24 39.45
C GLY B 233 15.43 7.41 38.43
N GLU B 234 14.18 7.77 38.15
CA GLU B 234 13.33 7.04 37.18
C GLU B 234 13.24 7.78 35.84
N VAL B 235 13.29 7.03 34.76
CA VAL B 235 13.24 7.55 33.40
C VAL B 235 11.78 7.76 32.98
N TYR B 236 11.42 8.98 32.60
CA TYR B 236 10.08 9.31 32.11
C TYR B 236 10.15 10.01 30.79
N PRO B 237 9.01 10.14 30.09
CA PRO B 237 9.05 10.92 28.84
C PRO B 237 9.43 12.38 29.12
N PRO B 238 10.00 13.07 28.10
CA PRO B 238 10.35 14.48 28.26
C PRO B 238 9.08 15.34 28.28
N THR B 239 9.22 16.62 28.55
CA THR B 239 8.07 17.50 28.62
C THR B 239 7.83 18.22 27.29
N VAL B 240 6.65 18.81 27.18
CA VAL B 240 6.26 19.67 26.08
C VAL B 240 7.23 20.86 25.93
N LYS B 241 7.57 21.52 27.04
CA LYS B 241 8.48 22.68 26.96
C LYS B 241 9.86 22.28 26.44
N ASP B 242 10.35 21.12 26.85
CA ASP B 242 11.65 20.57 26.43
C ASP B 242 11.60 20.27 24.92
N THR B 243 10.54 19.61 24.46
CA THR B 243 10.47 19.11 23.08
C THR B 243 9.80 20.04 22.06
N GLN B 244 8.82 20.83 22.50
CA GLN B 244 8.01 21.67 21.60
C GLN B 244 7.02 20.80 20.83
N VAL B 245 6.78 19.62 21.38
CA VAL B 245 5.84 18.67 20.81
C VAL B 245 4.44 18.99 21.35
N GLU B 246 3.48 19.17 20.44
CA GLU B 246 2.11 19.49 20.86
C GLU B 246 1.41 18.28 21.47
N MET B 247 0.80 18.50 22.64
CA MET B 247 0.02 17.47 23.34
C MET B 247 -1.33 18.08 23.70
N ILE B 248 -2.33 17.23 23.92
CA ILE B 248 -3.61 17.69 24.49
C ILE B 248 -3.57 17.62 26.02
N TYR B 249 -3.63 18.79 26.67
CA TYR B 249 -3.77 18.89 28.13
C TYR B 249 -4.75 20.01 28.47
N PRO B 250 -5.53 19.84 29.54
CA PRO B 250 -6.28 21.00 30.00
C PRO B 250 -5.32 22.12 30.49
N PRO B 251 -5.78 23.38 30.47
CA PRO B 251 -5.03 24.56 30.94
C PRO B 251 -4.36 24.39 32.32
N HIS B 252 -5.13 23.91 33.31
CA HIS B 252 -4.66 23.74 34.70
C HIS B 252 -3.47 22.77 34.90
N ILE B 253 -3.05 22.09 33.83
CA ILE B 253 -1.92 21.14 33.94
C ILE B 253 -0.58 21.88 33.88
N PRO B 254 0.27 21.71 34.94
CA PRO B 254 1.51 22.49 34.99
C PRO B 254 2.58 21.92 34.05
N GLU B 255 3.38 22.83 33.49
CA GLU B 255 4.46 22.53 32.54
C GLU B 255 5.19 21.21 32.82
N ASN B 256 5.62 21.02 34.06
CA ASN B 256 6.37 19.83 34.45
C ASN B 256 5.58 18.52 34.32
N LEU B 257 4.26 18.62 34.33
CA LEU B 257 3.41 17.41 34.21
C LEU B 257 2.85 17.23 32.81
N GLN B 258 3.38 18.00 31.86
CA GLN B 258 2.97 17.89 30.47
C GLN B 258 3.95 17.01 29.74
N PHE B 259 3.83 15.71 29.94
CA PHE B 259 4.70 14.76 29.27
C PHE B 259 4.39 14.68 27.78
N ALA B 260 5.45 14.64 26.98
CA ALA B 260 5.39 14.59 25.53
C ALA B 260 5.68 13.19 25.00
N VAL B 261 4.67 12.56 24.43
CA VAL B 261 4.88 11.26 23.78
C VAL B 261 4.39 11.27 22.32
N GLY B 262 4.61 10.17 21.61
CA GLY B 262 4.27 10.09 20.20
C GLY B 262 2.83 10.47 19.90
N GLN B 263 1.92 9.94 20.69
CA GLN B 263 0.49 10.18 20.49
C GLN B 263 -0.11 11.26 21.40
N GLU B 264 -0.60 12.27 20.68
CA GLU B 264 -1.11 13.53 21.20
CA GLU B 264 -1.19 13.52 21.18
C GLU B 264 -2.02 13.40 22.44
N VAL B 265 -2.79 12.32 22.52
CA VAL B 265 -3.81 12.21 23.59
C VAL B 265 -3.36 11.46 24.85
N PHE B 266 -2.14 10.93 24.86
CA PHE B 266 -1.76 10.01 25.94
C PHE B 266 -1.53 10.59 27.37
N GLY B 267 -1.52 11.91 27.49
CA GLY B 267 -1.66 12.55 28.80
C GLY B 267 -3.05 12.39 29.43
N LEU B 268 -4.04 11.97 28.65
CA LEU B 268 -5.42 11.88 29.16
C LEU B 268 -5.50 11.00 30.38
N VAL B 269 -4.81 9.86 30.31
CA VAL B 269 -4.96 8.78 31.27
C VAL B 269 -3.57 8.34 31.76
N PRO B 270 -3.36 8.23 33.09
CA PRO B 270 -2.08 7.74 33.64
C PRO B 270 -1.82 6.27 33.27
N GLY B 271 -2.86 5.51 33.03
CA GLY B 271 -2.73 4.17 32.45
C GLY B 271 -2.06 4.18 31.09
N LEU B 272 -2.35 5.22 30.30
CA LEU B 272 -1.69 5.37 28.99
C LEU B 272 -0.26 5.87 29.14
N MET B 273 -0.03 6.74 30.11
CA MET B 273 1.31 7.27 30.35
C MET B 273 2.24 6.15 30.86
N MET B 274 1.70 5.26 31.66
CA MET B 274 2.41 4.08 32.10
C MET B 274 2.98 3.33 30.89
N TYR B 275 2.12 2.90 29.97
CA TYR B 275 2.60 2.21 28.76
C TYR B 275 3.52 3.04 27.90
N ALA B 276 3.27 4.33 27.82
CA ALA B 276 4.14 5.18 27.01
C ALA B 276 5.55 5.16 27.56
N THR B 277 5.66 5.26 28.89
CA THR B 277 6.95 5.24 29.60
C THR B 277 7.64 3.89 29.44
N ILE B 278 6.91 2.81 29.63
CA ILE B 278 7.46 1.48 29.44
C ILE B 278 8.04 1.33 28.02
N TRP B 279 7.25 1.66 26.98
CA TRP B 279 7.76 1.56 25.60
C TRP B 279 8.90 2.49 25.28
N LEU B 280 8.93 3.66 25.90
CA LEU B 280 10.05 4.57 25.70
C LEU B 280 11.34 3.94 26.25
N ARG B 281 11.26 3.38 27.45
CA ARG B 281 12.40 2.67 28.04
C ARG B 281 12.82 1.49 27.17
N GLU B 282 11.86 0.70 26.74
CA GLU B 282 12.14 -0.40 25.81
C GLU B 282 12.92 0.07 24.58
N HIS B 283 12.52 1.19 23.98
CA HIS B 283 13.23 1.62 22.77
C HIS B 283 14.71 1.92 23.09
N ASN B 284 14.92 2.67 24.14
CA ASN B 284 16.26 3.02 24.58
C ASN B 284 17.05 1.80 25.09
N ARG B 285 16.36 0.81 25.66
CA ARG B 285 17.02 -0.43 26.07
C ARG B 285 17.50 -1.15 24.80
N VAL B 286 16.65 -1.21 23.77
CA VAL B 286 17.03 -1.87 22.54
C VAL B 286 18.18 -1.15 21.83
N CYS B 287 18.14 0.18 21.79
CA CYS B 287 19.33 0.95 21.39
C CYS B 287 20.62 0.50 22.10
N ASP B 288 20.58 0.34 23.43
CA ASP B 288 21.78 -0.03 24.19
C ASP B 288 22.34 -1.36 23.67
N ILE B 289 21.45 -2.33 23.45
CA ILE B 289 21.80 -3.67 22.93
C ILE B 289 22.35 -3.62 21.50
N LEU B 290 21.68 -2.88 20.62
CA LEU B 290 22.15 -2.74 19.26
C LEU B 290 23.55 -2.12 19.19
N LYS B 291 23.80 -1.15 20.06
CA LYS B 291 25.05 -0.39 20.05
C LYS B 291 26.18 -1.31 20.47
N GLN B 292 25.88 -2.18 21.42
CA GLN B 292 26.80 -3.22 21.88
C GLN B 292 27.16 -4.23 20.76
N GLU B 293 26.17 -4.58 19.93
CA GLU B 293 26.34 -5.46 18.80
C GLU B 293 27.01 -4.74 17.63
N HIS B 294 26.69 -3.46 17.46
CA HIS B 294 27.19 -2.67 16.34
C HIS B 294 27.85 -1.35 16.79
N PRO B 295 29.08 -1.41 17.34
CA PRO B 295 29.77 -0.18 17.73
C PRO B 295 30.01 0.78 16.56
N GLU B 296 29.96 0.25 15.34
CA GLU B 296 30.17 1.01 14.13
C GLU B 296 28.93 1.79 13.64
N TRP B 297 27.75 1.53 14.21
CA TRP B 297 26.51 2.09 13.65
C TRP B 297 26.35 3.52 14.12
N GLY B 298 25.65 4.34 13.33
CA GLY B 298 25.32 5.69 13.75
C GLY B 298 23.93 5.82 14.35
N ASP B 299 23.63 7.02 14.84
CA ASP B 299 22.35 7.30 15.46
C ASP B 299 21.15 6.89 14.61
N GLU B 300 21.14 7.29 13.35
CA GLU B 300 19.99 7.04 12.51
C GLU B 300 19.70 5.54 12.41
N GLN B 301 20.69 4.72 12.09
CA GLN B 301 20.46 3.28 11.95
C GLN B 301 20.04 2.61 13.27
N LEU B 302 20.67 3.02 14.38
CA LEU B 302 20.24 2.56 15.68
C LEU B 302 18.75 2.88 15.94
N PHE B 303 18.34 4.12 15.64
CA PHE B 303 16.96 4.51 15.89
C PHE B 303 16.01 3.64 15.08
N GLN B 304 16.24 3.57 13.76
CA GLN B 304 15.37 2.89 12.80
C GLN B 304 15.27 1.38 13.10
N THR B 305 16.39 0.77 13.44
CA THR B 305 16.46 -0.67 13.68
C THR B 305 15.73 -0.95 15.00
N SER B 306 15.94 -0.10 16.00
CA SER B 306 15.18 -0.25 17.24
C SER B 306 13.67 -0.13 16.99
N ARG B 307 13.26 0.75 16.08
CA ARG B 307 11.82 0.86 15.79
C ARG B 307 11.27 -0.45 15.20
N LEU B 308 12.03 -1.08 14.31
CA LEU B 308 11.51 -2.27 13.64
C LEU B 308 11.39 -3.40 14.64
N ILE B 309 12.41 -3.55 15.47
CA ILE B 309 12.39 -4.49 16.58
C ILE B 309 11.19 -4.26 17.46
N LEU B 310 10.91 -3.01 17.80
CA LEU B 310 9.79 -2.72 18.67
C LEU B 310 8.47 -3.05 18.02
N ILE B 311 8.37 -2.78 16.71
CA ILE B 311 7.17 -3.13 15.94
C ILE B 311 6.95 -4.64 16.00
N GLY B 312 8.02 -5.42 15.78
CA GLY B 312 7.99 -6.88 15.91
C GLY B 312 7.61 -7.37 17.31
N GLU B 313 8.21 -6.77 18.35
CA GLU B 313 7.81 -7.03 19.74
C GLU B 313 6.33 -6.82 19.90
N THR B 314 5.85 -5.70 19.40
CA THR B 314 4.44 -5.37 19.56
C THR B 314 3.52 -6.46 18.97
N ILE B 315 3.75 -6.84 17.72
CA ILE B 315 2.95 -7.88 17.06
C ILE B 315 3.07 -9.21 17.84
N LYS B 316 4.26 -9.50 18.32
CA LYS B 316 4.49 -10.73 19.03
C LYS B 316 3.62 -10.79 20.28
N ILE B 317 3.71 -9.74 21.07
CA ILE B 317 2.93 -9.62 22.31
C ILE B 317 1.42 -9.64 22.02
N VAL B 318 1.00 -8.91 20.99
CA VAL B 318 -0.42 -8.86 20.66
C VAL B 318 -1.00 -10.23 20.32
N ILE B 319 -0.27 -11.02 19.56
CA ILE B 319 -0.77 -12.34 19.19
C ILE B 319 -0.68 -13.34 20.35
N GLU B 320 0.46 -13.40 21.00
CA GLU B 320 0.72 -14.50 21.93
C GLU B 320 0.29 -14.28 23.39
N ASP B 321 0.10 -13.01 23.79
CA ASP B 321 -0.43 -12.73 25.13
C ASP B 321 -1.82 -12.10 25.03
N TYR B 322 -1.94 -11.05 24.23
CA TYR B 322 -3.16 -10.26 24.11
C TYR B 322 -4.31 -10.98 23.39
N VAL B 323 -4.14 -11.32 22.12
CA VAL B 323 -5.18 -12.10 21.44
C VAL B 323 -5.34 -13.46 22.13
N GLN B 324 -4.22 -14.06 22.54
CA GLN B 324 -4.28 -15.34 23.28
C GLN B 324 -5.24 -15.28 24.47
N HIS B 325 -5.10 -14.21 25.27
CA HIS B 325 -5.94 -14.01 26.43
C HIS B 325 -7.41 -13.77 26.04
N LEU B 326 -7.65 -12.89 25.06
CA LEU B 326 -8.99 -12.64 24.56
C LEU B 326 -9.67 -13.90 24.06
N SER B 327 -8.93 -14.67 23.26
CA SER B 327 -9.48 -15.83 22.58
C SER B 327 -10.09 -16.87 23.53
N GLY B 328 -9.54 -16.97 24.74
CA GLY B 328 -9.88 -18.09 25.65
C GLY B 328 -9.50 -19.44 25.08
N TYR B 329 -8.71 -19.46 24.01
CA TYR B 329 -8.30 -20.70 23.35
C TYR B 329 -7.36 -21.53 24.23
N HIS B 330 -7.51 -22.84 24.15
CA HIS B 330 -6.51 -23.74 24.75
C HIS B 330 -5.32 -23.94 23.82
N PHE B 331 -5.53 -23.72 22.52
CA PHE B 331 -4.45 -23.75 21.56
C PHE B 331 -3.49 -22.55 21.77
N LYS B 332 -2.19 -22.81 21.72
CA LYS B 332 -1.17 -21.80 21.91
C LYS B 332 -0.93 -21.09 20.57
N LEU B 333 -1.44 -19.87 20.44
CA LEU B 333 -1.22 -19.06 19.22
C LEU B 333 0.26 -18.77 19.04
N LYS B 334 0.67 -18.51 17.81
CA LYS B 334 2.09 -18.39 17.43
C LYS B 334 2.26 -17.21 16.49
N PHE B 335 3.22 -16.31 16.77
CA PHE B 335 3.58 -15.29 15.79
C PHE B 335 4.72 -15.83 14.94
N ASP B 336 4.37 -16.12 13.68
CA ASP B 336 5.30 -16.73 12.75
C ASP B 336 4.95 -16.31 11.30
N PRO B 337 5.55 -15.22 10.82
CA PRO B 337 5.38 -14.76 9.45
C PRO B 337 5.57 -15.83 8.39
N GLU B 338 6.53 -16.74 8.59
CA GLU B 338 6.80 -17.85 7.66
C GLU B 338 5.60 -18.69 7.31
N LEU B 339 4.61 -18.76 8.20
CA LEU B 339 3.40 -19.56 7.94
C LEU B 339 2.59 -19.05 6.76
N LEU B 340 2.78 -17.78 6.39
CA LEU B 340 2.10 -17.21 5.23
C LEU B 340 2.87 -17.26 3.94
N PHE B 341 4.12 -17.73 3.97
CA PHE B 341 4.99 -17.61 2.79
C PHE B 341 4.60 -18.42 1.55
N ASN B 342 3.89 -19.54 1.73
CA ASN B 342 3.39 -20.29 0.59
C ASN B 342 1.90 -20.05 0.39
N GLN B 343 1.35 -19.01 1.04
CA GLN B 343 -0.08 -18.67 0.93
C GLN B 343 -0.30 -17.39 0.11
N GLN B 344 -1.53 -17.19 -0.35
CA GLN B 344 -1.92 -15.90 -0.92
C GLN B 344 -2.35 -14.96 0.20
N PHE B 345 -1.63 -13.86 0.35
CA PHE B 345 -1.89 -12.87 1.39
C PHE B 345 -1.36 -11.53 0.94
N GLN B 346 -2.06 -10.46 1.31
CA GLN B 346 -1.63 -9.12 0.95
C GLN B 346 -0.96 -8.43 2.15
N TYR B 347 0.31 -8.03 1.99
CA TYR B 347 1.02 -7.31 3.05
C TYR B 347 0.67 -5.84 2.97
N GLN B 348 -0.59 -5.54 3.25
CA GLN B 348 -1.07 -4.17 3.37
C GLN B 348 -2.33 -4.15 4.22
N ASN B 349 -2.63 -3.00 4.79
CA ASN B 349 -3.80 -2.87 5.63
C ASN B 349 -4.39 -1.49 5.46
N ARG B 350 -5.70 -1.38 5.64
CA ARG B 350 -6.39 -0.11 5.72
C ARG B 350 -7.41 -0.23 6.87
N ILE B 351 -7.36 0.68 7.85
CA ILE B 351 -8.21 0.57 9.03
C ILE B 351 -9.68 0.79 8.69
N ALA B 352 -10.53 -0.16 9.07
CA ALA B 352 -11.95 -0.06 8.82
C ALA B 352 -12.64 0.73 9.93
N SER B 353 -13.55 1.62 9.53
CA SER B 353 -14.37 2.34 10.48
C SER B 353 -15.04 1.38 11.47
N GLU B 354 -15.53 0.24 10.96
CA GLU B 354 -16.26 -0.72 11.78
C GLU B 354 -15.36 -1.38 12.82
N PHE B 355 -14.07 -1.48 12.50
CA PHE B 355 -13.06 -1.96 13.45
C PHE B 355 -12.89 -0.96 14.59
N ASN B 356 -12.73 0.32 14.26
CA ASN B 356 -12.78 1.38 15.25
C ASN B 356 -14.05 1.24 16.12
N THR B 357 -15.22 1.19 15.47
CA THR B 357 -16.48 1.12 16.24
C THR B 357 -16.57 -0.07 17.21
N LEU B 358 -16.29 -1.28 16.71
CA LEU B 358 -16.46 -2.46 17.55
C LEU B 358 -15.47 -2.49 18.73
N TYR B 359 -14.43 -1.66 18.66
CA TYR B 359 -13.36 -1.61 19.67
C TYR B 359 -13.60 -0.60 20.77
N HIS B 360 -14.79 -0.02 20.79
CA HIS B 360 -15.14 0.92 21.82
C HIS B 360 -15.54 0.14 23.09
N TRP B 361 -14.52 -0.45 23.71
CA TRP B 361 -14.71 -1.34 24.84
C TRP B 361 -14.77 -0.59 26.17
N HIS B 362 -15.52 0.51 26.23
CA HIS B 362 -15.52 1.27 27.46
CA HIS B 362 -15.64 1.33 27.44
C HIS B 362 -16.07 0.50 28.66
N PRO B 363 -16.90 -0.55 28.44
CA PRO B 363 -17.27 -1.38 29.59
C PRO B 363 -16.10 -2.05 30.33
N LEU B 364 -14.94 -2.20 29.69
CA LEU B 364 -13.73 -2.63 30.43
C LEU B 364 -13.41 -1.74 31.65
N LEU B 365 -13.79 -0.46 31.59
CA LEU B 365 -13.41 0.48 32.65
C LEU B 365 -14.17 0.24 33.95
N PRO B 366 -13.41 0.24 35.08
CA PRO B 366 -13.91 0.00 36.43
C PRO B 366 -14.57 1.25 36.97
N ASP B 367 -15.19 1.17 38.14
CA ASP B 367 -15.83 2.34 38.75
C ASP B 367 -14.82 3.32 39.32
N THR B 368 -13.73 2.78 39.86
CA THR B 368 -12.63 3.54 40.42
C THR B 368 -11.31 2.87 40.00
N PHE B 369 -10.21 3.63 40.04
CA PHE B 369 -8.92 3.08 39.65
C PHE B 369 -8.11 2.84 40.92
N ASN B 370 -7.75 1.58 41.16
CA ASN B 370 -7.26 1.17 42.46
C ASN B 370 -5.75 0.95 42.37
N ILE B 371 -4.99 1.92 42.89
CA ILE B 371 -3.54 1.83 42.93
C ILE B 371 -3.07 1.87 44.38
N GLU B 372 -2.44 0.78 44.80
CA GLU B 372 -1.96 0.64 46.17
C GLU B 372 -3.18 0.73 47.10
N ASP B 373 -3.19 1.65 48.05
CA ASP B 373 -4.31 1.71 48.97
C ASP B 373 -5.36 2.74 48.56
N GLN B 374 -5.18 3.37 47.41
CA GLN B 374 -6.02 4.48 46.97
C GLN B 374 -7.07 4.10 45.91
N GLU B 375 -8.24 4.77 45.97
CA GLU B 375 -9.34 4.50 45.05
C GLU B 375 -9.83 5.74 44.30
N TYR B 376 -9.13 6.04 43.21
CA TYR B 376 -9.33 7.24 42.44
C TYR B 376 -10.56 7.17 41.58
N SER B 377 -11.33 8.25 41.60
CA SER B 377 -12.47 8.39 40.74
C SER B 377 -11.98 8.78 39.35
N PHE B 378 -12.88 8.72 38.37
CA PHE B 378 -12.61 9.29 37.06
C PHE B 378 -12.14 10.74 37.09
N LYS B 379 -12.87 11.57 37.84
CA LYS B 379 -12.53 12.98 38.05
C LYS B 379 -11.05 13.10 38.45
N GLN B 380 -10.65 12.25 39.41
CA GLN B 380 -9.31 12.28 40.00
C GLN B 380 -8.24 11.70 39.13
N PHE B 381 -8.61 10.76 38.27
CA PHE B 381 -7.63 9.98 37.51
C PHE B 381 -7.29 10.66 36.20
N LEU B 382 -8.32 11.20 35.54
CA LEU B 382 -8.17 11.89 34.28
C LEU B 382 -7.13 12.98 34.36
N TYR B 383 -6.23 12.99 33.37
CA TYR B 383 -5.18 14.00 33.27
C TYR B 383 -4.24 14.12 34.47
N ASN B 384 -4.28 13.18 35.42
CA ASN B 384 -3.43 13.26 36.60
C ASN B 384 -2.20 12.41 36.50
N ASN B 385 -1.13 12.95 35.95
CA ASN B 385 0.10 12.18 35.90
C ASN B 385 0.87 12.19 37.21
N SER B 386 0.55 13.11 38.11
CA SER B 386 1.04 13.07 39.49
C SER B 386 0.89 11.68 40.09
N ILE B 387 -0.25 11.05 39.82
CA ILE B 387 -0.59 9.75 40.38
C ILE B 387 0.49 8.76 39.96
N LEU B 388 0.93 8.88 38.71
CA LEU B 388 2.00 8.05 38.17
C LEU B 388 3.34 8.33 38.86
N LEU B 389 3.64 9.61 39.08
CA LEU B 389 4.91 9.98 39.68
C LEU B 389 4.93 9.57 41.12
N GLU B 390 3.77 9.66 41.76
CA GLU B 390 3.64 9.44 43.20
C GLU B 390 3.80 7.97 43.58
N HIS B 391 3.13 7.11 42.83
CA HIS B 391 3.13 5.68 43.11
C HIS B 391 4.29 4.94 42.41
N GLY B 392 4.65 5.42 41.22
CA GLY B 392 5.69 4.80 40.40
C GLY B 392 5.16 3.68 39.52
N LEU B 393 5.94 3.32 38.49
CA LEU B 393 5.53 2.28 37.55
C LEU B 393 5.36 0.92 38.19
N THR B 394 6.22 0.60 39.18
CA THR B 394 6.18 -0.72 39.81
C THR B 394 4.84 -0.96 40.49
N GLN B 395 4.40 0.00 41.29
CA GLN B 395 3.10 -0.07 41.94
C GLN B 395 1.94 -0.03 40.93
N PHE B 396 2.06 0.79 39.90
CA PHE B 396 1.06 0.80 38.84
C PHE B 396 0.89 -0.58 38.25
N VAL B 397 2.00 -1.21 37.85
CA VAL B 397 1.96 -2.58 37.35
C VAL B 397 1.36 -3.56 38.37
N GLU B 398 1.86 -3.55 39.61
CA GLU B 398 1.33 -4.46 40.62
C GLU B 398 -0.19 -4.31 40.84
N SER B 399 -0.67 -3.07 40.91
CA SER B 399 -2.07 -2.77 41.18
C SER B 399 -2.94 -3.12 39.99
N PHE B 400 -2.55 -2.68 38.80
CA PHE B 400 -3.31 -2.98 37.61
C PHE B 400 -3.31 -4.47 37.23
N THR B 401 -2.24 -5.18 37.53
CA THR B 401 -2.22 -6.62 37.32
C THR B 401 -3.28 -7.27 38.20
N ARG B 402 -3.46 -6.72 39.40
CA ARG B 402 -4.47 -7.20 40.34
C ARG B 402 -5.92 -6.80 40.01
N GLN B 403 -6.15 -5.60 39.44
CA GLN B 403 -7.51 -5.10 39.31
C GLN B 403 -8.31 -5.61 38.10
N ILE B 404 -9.41 -6.31 38.36
CA ILE B 404 -10.31 -6.81 37.32
C ILE B 404 -11.02 -5.69 36.50
N ALA B 405 -11.18 -5.96 35.19
CA ALA B 405 -11.88 -5.09 34.26
C ALA B 405 -13.33 -5.57 34.05
N GLY B 406 -14.17 -4.74 33.46
CA GLY B 406 -15.58 -5.09 33.23
C GLY B 406 -15.81 -5.96 32.02
N ARG B 407 -16.93 -6.69 32.04
CA ARG B 407 -17.39 -7.46 30.90
C ARG B 407 -17.85 -6.50 29.80
N VAL B 408 -17.57 -6.81 28.53
CA VAL B 408 -17.93 -5.92 27.40
C VAL B 408 -19.33 -6.27 26.88
N ALA B 409 -19.53 -7.53 26.54
CA ALA B 409 -20.85 -8.01 26.13
C ALA B 409 -21.75 -8.30 27.35
N GLY B 410 -22.99 -8.74 27.09
CA GLY B 410 -23.97 -9.02 28.16
C GLY B 410 -24.82 -7.86 28.60
N GLY B 411 -24.52 -6.65 28.10
CA GLY B 411 -25.34 -5.46 28.36
C GLY B 411 -25.07 -4.74 29.67
N ARG B 412 -25.59 -3.52 29.76
CA ARG B 412 -25.58 -2.70 30.98
C ARG B 412 -24.27 -2.70 31.76
N ASN B 413 -23.18 -2.39 31.07
CA ASN B 413 -21.90 -2.28 31.73
C ASN B 413 -21.05 -1.08 31.32
N VAL B 414 -21.65 -0.10 30.63
CA VAL B 414 -20.94 1.12 30.28
C VAL B 414 -20.88 2.05 31.51
N PRO B 415 -19.66 2.40 31.99
CA PRO B 415 -19.56 3.26 33.18
C PRO B 415 -20.30 4.57 32.91
N ILE B 416 -20.99 5.09 33.91
CA ILE B 416 -21.75 6.33 33.74
C ILE B 416 -20.85 7.51 33.39
N ALA B 417 -19.64 7.51 33.94
CA ALA B 417 -18.65 8.56 33.67
C ALA B 417 -18.40 8.78 32.18
N VAL B 418 -18.44 7.72 31.37
CA VAL B 418 -18.26 7.85 29.89
C VAL B 418 -19.55 7.74 29.09
N GLN B 419 -20.68 8.02 29.73
CA GLN B 419 -21.95 7.93 29.00
C GLN B 419 -21.97 8.76 27.70
N ALA B 420 -21.31 9.91 27.69
CA ALA B 420 -21.35 10.78 26.52
C ALA B 420 -20.61 10.15 25.33
N VAL B 421 -19.57 9.38 25.66
CA VAL B 421 -18.80 8.65 24.67
C VAL B 421 -19.63 7.52 24.06
N ALA B 422 -20.30 6.73 24.89
CA ALA B 422 -21.17 5.69 24.35
C ALA B 422 -22.29 6.27 23.46
N LYS B 423 -22.87 7.40 23.88
CA LYS B 423 -23.87 8.06 23.04
C LYS B 423 -23.31 8.46 21.66
N ALA B 424 -22.07 8.92 21.65
CA ALA B 424 -21.41 9.36 20.43
C ALA B 424 -21.13 8.20 19.48
N SER B 425 -20.82 7.03 20.01
CA SER B 425 -20.59 5.87 19.15
C SER B 425 -21.83 5.48 18.37
N ILE B 426 -22.99 5.62 19.01
CA ILE B 426 -24.27 5.39 18.36
C ILE B 426 -24.52 6.49 17.32
N ASP B 427 -24.49 7.75 17.76
CA ASP B 427 -24.77 8.91 16.89
C ASP B 427 -23.85 8.97 15.69
N GLN B 428 -22.57 8.71 15.91
CA GLN B 428 -21.60 8.76 14.86
C GLN B 428 -21.72 7.55 13.93
N SER B 429 -22.10 6.39 14.45
CA SER B 429 -22.46 5.27 13.56
C SER B 429 -23.57 5.70 12.59
N ARG B 430 -24.55 6.44 13.12
CA ARG B 430 -25.70 6.87 12.37
C ARG B 430 -25.30 7.91 11.33
N GLU B 431 -24.57 8.93 11.79
CA GLU B 431 -24.02 9.94 10.93
C GLU B 431 -23.16 9.34 9.79
N MET B 432 -22.46 8.23 10.06
CA MET B 432 -21.64 7.59 9.04
C MET B 432 -22.49 6.61 8.22
N LYS B 433 -23.78 6.50 8.56
CA LYS B 433 -24.73 5.68 7.82
C LYS B 433 -24.38 4.20 7.82
N TYR B 434 -24.06 3.66 8.98
CA TYR B 434 -23.81 2.23 9.10
C TYR B 434 -25.03 1.40 8.73
N GLN B 435 -24.80 0.34 7.97
CA GLN B 435 -25.79 -0.70 7.78
C GLN B 435 -26.12 -1.41 9.10
N SER B 436 -27.16 -2.25 9.07
CA SER B 436 -27.64 -2.86 10.31
C SER B 436 -26.73 -3.99 10.83
N LEU B 437 -26.92 -4.35 12.10
CA LEU B 437 -26.26 -5.51 12.70
C LEU B 437 -26.37 -6.78 11.87
N ASN B 438 -27.58 -7.14 11.47
CA ASN B 438 -27.74 -8.33 10.64
C ASN B 438 -27.01 -8.26 9.28
N GLU B 439 -26.96 -7.08 8.67
CA GLU B 439 -26.20 -6.90 7.45
C GLU B 439 -24.71 -7.20 7.69
N TYR B 440 -24.17 -6.70 8.80
CA TYR B 440 -22.79 -6.98 9.18
C TYR B 440 -22.53 -8.46 9.50
N ARG B 441 -23.46 -9.08 10.19
CA ARG B 441 -23.35 -10.51 10.47
C ARG B 441 -23.24 -11.31 9.19
N LYS B 442 -24.14 -11.07 8.23
CA LYS B 442 -24.10 -11.79 6.95
C LYS B 442 -22.79 -11.55 6.20
N ARG B 443 -22.34 -10.30 6.20
CA ARG B 443 -21.08 -9.92 5.58
C ARG B 443 -19.90 -10.74 6.13
N PHE B 444 -20.04 -11.20 7.37
CA PHE B 444 -18.98 -11.95 8.04
C PHE B 444 -19.35 -13.40 8.24
N SER B 445 -20.15 -13.91 7.31
CA SER B 445 -20.53 -15.33 7.24
C SER B 445 -21.26 -15.87 8.47
N LEU B 446 -22.07 -15.00 9.09
CA LEU B 446 -22.94 -15.39 10.19
C LEU B 446 -24.41 -15.35 9.81
N LYS B 447 -25.22 -16.17 10.47
CA LYS B 447 -26.67 -16.15 10.32
C LYS B 447 -27.24 -14.87 10.95
N PRO B 448 -28.13 -14.17 10.24
CA PRO B 448 -28.76 -13.03 10.89
C PRO B 448 -29.57 -13.47 12.12
N TYR B 449 -29.58 -12.67 13.18
CA TYR B 449 -30.42 -12.95 14.35
C TYR B 449 -31.88 -12.87 13.94
N THR B 450 -32.69 -13.81 14.45
CA THR B 450 -34.11 -13.91 14.06
C THR B 450 -35.03 -13.16 15.05
N SER B 451 -34.45 -12.75 16.18
CA SER B 451 -35.19 -12.00 17.21
C SER B 451 -34.24 -11.30 18.19
N PHE B 452 -34.78 -10.41 19.01
CA PHE B 452 -33.99 -9.75 20.04
C PHE B 452 -33.61 -10.69 21.15
N GLU B 453 -34.49 -11.64 21.48
CA GLU B 453 -34.17 -12.65 22.50
C GLU B 453 -33.00 -13.53 22.09
N GLU B 454 -32.82 -13.77 20.79
CA GLU B 454 -31.73 -14.59 20.35
C GLU B 454 -30.41 -13.78 20.50
N LEU B 455 -30.49 -12.50 20.17
CA LEU B 455 -29.33 -11.58 20.31
C LEU B 455 -28.80 -11.54 21.73
N THR B 456 -29.71 -11.37 22.70
CA THR B 456 -29.28 -11.13 24.09
C THR B 456 -29.21 -12.41 24.93
N GLY B 457 -30.01 -13.42 24.56
CA GLY B 457 -30.00 -14.70 25.25
C GLY B 457 -30.77 -14.60 26.54
N GLU B 458 -31.62 -13.59 26.62
CA GLU B 458 -32.25 -13.19 27.86
C GLU B 458 -33.57 -12.52 27.46
N LYS B 459 -34.41 -12.13 28.42
CA LYS B 459 -35.74 -11.60 28.09
C LYS B 459 -35.92 -10.09 28.25
N GLU B 460 -35.31 -9.49 29.27
CA GLU B 460 -35.63 -8.11 29.66
C GLU B 460 -35.10 -7.06 28.70
N MET B 461 -33.82 -7.17 28.36
CA MET B 461 -33.20 -6.27 27.42
C MET B 461 -33.80 -6.47 26.04
N ALA B 462 -34.01 -7.73 25.66
CA ALA B 462 -34.62 -8.05 24.39
C ALA B 462 -35.94 -7.27 24.23
N ALA B 463 -36.78 -7.31 25.27
CA ALA B 463 -38.05 -6.56 25.28
C ALA B 463 -37.88 -5.04 25.16
N GLU B 464 -36.93 -4.44 25.89
CA GLU B 464 -36.63 -3.02 25.70
C GLU B 464 -36.28 -2.73 24.23
N LEU B 465 -35.35 -3.51 23.69
CA LEU B 465 -34.90 -3.36 22.30
C LEU B 465 -36.03 -3.54 21.28
N LYS B 466 -36.91 -4.51 21.52
CA LYS B 466 -38.06 -4.73 20.67
C LYS B 466 -38.93 -3.47 20.66
N ALA B 467 -39.10 -2.84 21.82
CA ALA B 467 -39.92 -1.63 21.90
C ALA B 467 -39.24 -0.45 21.20
N LEU B 468 -37.91 -0.39 21.25
CA LEU B 468 -37.20 0.74 20.63
C LEU B 468 -37.02 0.62 19.10
N TYR B 469 -36.61 -0.57 18.64
CA TYR B 469 -36.26 -0.79 17.24
C TYR B 469 -37.36 -1.44 16.36
N SER B 470 -38.34 -2.10 17.01
CA SER B 470 -39.43 -2.85 16.33
C SER B 470 -38.99 -4.11 15.57
N ASP B 471 -37.91 -3.99 14.80
CA ASP B 471 -37.50 -5.04 13.89
C ASP B 471 -36.03 -5.40 14.10
N ILE B 472 -35.76 -6.70 14.30
CA ILE B 472 -34.41 -7.20 14.54
C ILE B 472 -33.43 -6.83 13.39
N ASP B 473 -33.96 -6.75 12.17
CA ASP B 473 -33.16 -6.43 11.00
C ASP B 473 -32.76 -4.95 10.89
N VAL B 474 -33.17 -4.11 11.84
CA VAL B 474 -32.67 -2.73 11.89
C VAL B 474 -31.94 -2.43 13.20
N MET B 475 -31.74 -3.45 14.03
CA MET B 475 -30.91 -3.32 15.23
C MET B 475 -29.52 -2.82 14.77
N GLU B 476 -28.95 -1.85 15.49
CA GLU B 476 -27.65 -1.28 15.14
C GLU B 476 -26.48 -2.12 15.67
N LEU B 477 -25.35 -2.03 14.96
CA LEU B 477 -24.18 -2.84 15.25
C LEU B 477 -23.58 -2.55 16.61
N TYR B 478 -23.31 -1.29 16.91
CA TYR B 478 -22.55 -0.97 18.12
C TYR B 478 -23.28 -1.39 19.42
N PRO B 479 -24.55 -0.94 19.62
CA PRO B 479 -25.22 -1.39 20.85
C PRO B 479 -25.41 -2.91 20.91
N ALA B 480 -25.57 -3.53 19.75
CA ALA B 480 -25.73 -4.98 19.69
C ALA B 480 -24.51 -5.71 20.27
N LEU B 481 -23.33 -5.19 19.99
CA LEU B 481 -22.09 -5.78 20.49
C LEU B 481 -22.01 -5.72 22.00
N LEU B 482 -22.61 -4.67 22.57
CA LEU B 482 -22.52 -4.46 24.00
C LEU B 482 -23.59 -5.23 24.77
N VAL B 483 -24.64 -5.69 24.08
CA VAL B 483 -25.76 -6.40 24.71
C VAL B 483 -25.85 -7.85 24.25
N GLU B 484 -24.95 -8.23 23.35
CA GLU B 484 -24.96 -9.58 22.82
C GLU B 484 -24.72 -10.63 23.92
N LYS B 485 -25.44 -11.74 23.82
CA LYS B 485 -25.20 -12.92 24.65
C LYS B 485 -23.71 -13.25 24.52
N PRO B 486 -22.96 -13.18 25.63
CA PRO B 486 -21.53 -13.51 25.55
C PRO B 486 -21.34 -15.01 25.36
N HIS B 487 -20.19 -15.44 24.83
CA HIS B 487 -19.85 -16.87 24.85
C HIS B 487 -19.81 -17.32 26.32
N PRO B 488 -19.91 -18.63 26.59
CA PRO B 488 -20.00 -19.06 28.01
C PRO B 488 -18.79 -18.59 28.84
N ASP B 489 -19.05 -17.81 29.89
CA ASP B 489 -17.98 -17.27 30.77
C ASP B 489 -17.01 -16.33 30.05
N ALA B 490 -17.42 -15.80 28.91
CA ALA B 490 -16.55 -14.94 28.12
C ALA B 490 -16.87 -13.44 28.22
N ILE B 491 -15.89 -12.65 27.80
CA ILE B 491 -15.97 -11.19 27.77
C ILE B 491 -16.84 -10.64 26.63
N PHE B 492 -16.86 -11.38 25.50
CA PHE B 492 -17.53 -10.95 24.25
C PHE B 492 -18.50 -12.00 23.80
N GLY B 493 -19.36 -11.62 22.86
CA GLY B 493 -20.21 -12.55 22.15
C GLY B 493 -19.69 -12.77 20.73
N GLU B 494 -20.43 -13.55 19.97
CA GLU B 494 -20.06 -14.01 18.64
C GLU B 494 -19.72 -12.90 17.63
N THR B 495 -20.56 -11.87 17.56
CA THR B 495 -20.39 -10.80 16.55
C THR B 495 -19.06 -10.07 16.72
N MET B 496 -18.66 -9.85 17.98
CA MET B 496 -17.42 -9.15 18.30
C MET B 496 -16.23 -9.95 17.82
N VAL B 497 -16.26 -11.25 18.11
CA VAL B 497 -15.18 -12.16 17.73
C VAL B 497 -15.08 -12.31 16.22
N GLU B 498 -16.21 -12.52 15.55
CA GLU B 498 -16.21 -12.74 14.11
C GLU B 498 -15.87 -11.53 13.26
N LEU B 499 -16.20 -10.32 13.74
CA LEU B 499 -15.80 -9.10 13.03
C LEU B 499 -14.38 -8.67 13.43
N GLY B 500 -14.07 -8.79 14.72
CA GLY B 500 -12.79 -8.31 15.23
C GLY B 500 -11.60 -9.12 14.76
N ALA B 501 -11.71 -10.44 14.83
CA ALA B 501 -10.58 -11.30 14.52
C ALA B 501 -9.97 -11.09 13.13
N PRO B 502 -10.81 -11.06 12.06
CA PRO B 502 -10.22 -10.79 10.75
C PRO B 502 -9.60 -9.41 10.63
N PHE B 503 -10.22 -8.37 11.21
CA PHE B 503 -9.61 -7.04 11.12
C PHE B 503 -8.22 -7.05 11.81
N SER B 504 -8.13 -7.83 12.89
CA SER B 504 -6.92 -7.94 13.71
CA SER B 504 -6.91 -7.92 13.70
C SER B 504 -5.79 -8.65 13.00
N LEU B 505 -6.07 -9.84 12.46
CA LEU B 505 -5.10 -10.65 11.70
C LEU B 505 -4.51 -9.83 10.58
N LYS B 506 -5.37 -9.14 9.86
CA LYS B 506 -4.98 -8.38 8.72
C LYS B 506 -4.03 -7.26 9.12
N GLY B 507 -4.34 -6.55 10.20
CA GLY B 507 -3.51 -5.46 10.65
C GLY B 507 -2.19 -5.90 11.23
N LEU B 508 -2.16 -7.11 11.78
CA LEU B 508 -0.93 -7.63 12.39
C LEU B 508 0.01 -8.29 11.38
N MET B 509 -0.51 -9.27 10.68
CA MET B 509 0.27 -10.00 9.66
C MET B 509 0.50 -9.16 8.40
N GLY B 510 -0.38 -8.19 8.16
N GLY B 510 -0.37 -8.17 8.17
CA GLY B 510 -0.28 -7.34 6.97
CA GLY B 510 -0.30 -7.33 6.97
C GLY B 510 0.96 -6.49 6.95
C GLY B 510 0.76 -6.24 7.05
N ASN B 511 1.53 -6.25 8.13
CA ASN B 511 2.65 -5.36 8.32
C ASN B 511 3.86 -5.80 7.46
N PRO B 512 4.59 -4.82 6.86
CA PRO B 512 5.67 -5.21 5.96
C PRO B 512 6.78 -5.99 6.62
N ILE B 513 6.96 -5.86 7.95
CA ILE B 513 8.01 -6.62 8.64
C ILE B 513 7.72 -8.10 8.58
N CYS B 514 6.48 -8.44 8.25
CA CYS B 514 6.05 -9.83 8.18
C CYS B 514 6.21 -10.42 6.80
N SER B 515 6.62 -9.60 5.82
CA SER B 515 6.80 -10.05 4.44
C SER B 515 8.16 -10.74 4.31
N PRO B 516 8.31 -11.65 3.32
CA PRO B 516 9.55 -12.41 3.19
C PRO B 516 10.80 -11.56 3.03
N GLN B 517 10.71 -10.41 2.35
CA GLN B 517 11.91 -9.57 2.20
C GLN B 517 12.35 -8.84 3.47
N TYR B 518 11.42 -8.62 4.40
CA TYR B 518 11.74 -8.04 5.70
C TYR B 518 12.02 -9.09 6.79
N TRP B 519 11.40 -10.26 6.71
CA TRP B 519 11.45 -11.23 7.83
C TRP B 519 12.74 -12.06 7.85
N LYS B 520 13.82 -11.39 8.23
CA LYS B 520 15.20 -11.89 8.12
C LYS B 520 15.97 -11.25 9.25
N PRO B 521 16.96 -11.97 9.79
CA PRO B 521 17.76 -11.39 10.90
C PRO B 521 18.47 -10.09 10.55
N SER B 522 18.90 -9.90 9.30
CA SER B 522 19.58 -8.66 8.88
C SER B 522 18.72 -7.40 9.05
N THR B 523 17.41 -7.54 8.85
CA THR B 523 16.47 -6.42 9.00
C THR B 523 16.55 -5.82 10.42
N PHE B 524 16.82 -6.67 11.41
CA PHE B 524 16.78 -6.28 12.82
C PHE B 524 18.17 -6.20 13.49
N GLY B 525 19.20 -6.11 12.67
CA GLY B 525 20.52 -5.88 13.18
C GLY B 525 21.25 -7.17 13.45
N GLY B 526 20.73 -8.29 12.94
CA GLY B 526 21.34 -9.63 13.11
C GLY B 526 20.56 -10.52 14.07
N GLU B 527 21.16 -11.61 14.49
CA GLU B 527 20.43 -12.65 15.23
C GLU B 527 19.96 -12.22 16.61
N VAL B 528 20.71 -11.36 17.28
CA VAL B 528 20.34 -10.88 18.59
C VAL B 528 19.07 -10.02 18.50
N GLY B 529 19.04 -9.09 17.56
CA GLY B 529 17.86 -8.27 17.39
C GLY B 529 16.64 -9.09 16.99
N PHE B 530 16.86 -10.07 16.13
CA PHE B 530 15.80 -10.95 15.69
C PHE B 530 15.22 -11.69 16.92
N LYS B 531 16.10 -12.17 17.80
CA LYS B 531 15.66 -12.92 18.98
C LYS B 531 14.86 -12.07 20.00
N ILE B 532 15.16 -10.76 20.07
CA ILE B 532 14.37 -9.85 20.91
C ILE B 532 12.92 -9.90 20.46
N ILE B 533 12.69 -9.94 19.16
CA ILE B 533 11.31 -10.03 18.65
C ILE B 533 10.65 -11.36 19.01
N ASN B 534 11.35 -12.46 18.74
CA ASN B 534 10.83 -13.81 18.86
C ASN B 534 10.66 -14.37 20.26
N THR B 535 11.14 -13.61 21.26
CA THR B 535 11.02 -13.98 22.66
C THR B 535 10.29 -12.88 23.43
N ALA B 536 9.71 -11.91 22.73
CA ALA B 536 9.06 -10.83 23.45
C ALA B 536 7.76 -11.32 24.11
N SER B 537 7.41 -10.73 25.25
CA SER B 537 6.15 -11.03 25.90
C SER B 537 5.74 -9.86 26.80
N ILE B 538 4.50 -9.83 27.23
CA ILE B 538 4.09 -8.73 28.10
C ILE B 538 4.92 -8.74 29.42
N GLN B 539 5.26 -9.94 29.88
CA GLN B 539 6.01 -10.10 31.12
C GLN B 539 7.42 -9.56 30.95
N SER B 540 8.07 -9.90 29.84
CA SER B 540 9.44 -9.47 29.62
C SER B 540 9.50 -7.96 29.39
N LEU B 541 8.50 -7.43 28.71
CA LEU B 541 8.42 -5.98 28.53
C LEU B 541 8.43 -5.23 29.88
N ILE B 542 7.65 -5.73 30.83
CA ILE B 542 7.59 -5.15 32.15
C ILE B 542 8.86 -5.46 32.90
N CYS B 543 9.33 -6.70 32.79
CA CYS B 543 10.46 -7.14 33.59
C CYS B 543 11.71 -6.33 33.20
N ASN B 544 11.89 -6.12 31.90
CA ASN B 544 13.08 -5.44 31.42
C ASN B 544 13.09 -3.94 31.71
N ASN B 545 11.91 -3.35 31.90
CA ASN B 545 11.80 -1.90 31.91
C ASN B 545 11.20 -1.28 33.15
N VAL B 546 10.88 -2.09 34.15
CA VAL B 546 10.20 -1.60 35.35
C VAL B 546 10.95 -2.09 36.57
N LYS B 547 11.32 -1.16 37.45
CA LYS B 547 12.11 -1.48 38.64
C LYS B 547 11.51 -2.62 39.46
N GLY B 548 12.36 -3.59 39.83
CA GLY B 548 11.95 -4.71 40.64
C GLY B 548 11.35 -5.85 39.85
N CYS B 549 11.15 -5.65 38.54
CA CYS B 549 10.55 -6.65 37.67
C CYS B 549 9.29 -7.28 38.30
N PRO B 550 8.22 -6.48 38.49
CA PRO B 550 6.97 -7.05 38.99
C PRO B 550 6.41 -8.08 38.01
N PHE B 551 5.75 -9.10 38.55
CA PHE B 551 5.10 -10.06 37.69
C PHE B 551 3.85 -9.46 37.07
N THR B 552 3.55 -9.88 35.85
CA THR B 552 2.36 -9.39 35.22
C THR B 552 1.82 -10.36 34.20
N SER B 553 0.61 -10.05 33.73
CA SER B 553 -0.07 -10.77 32.67
C SER B 553 -1.34 -10.00 32.35
N PHE B 554 -2.19 -10.52 31.48
CA PHE B 554 -3.47 -9.88 31.21
C PHE B 554 -4.67 -10.38 32.05
N ASN B 555 -4.49 -11.47 32.79
CA ASN B 555 -5.54 -11.95 33.69
C ASN B 555 -5.21 -11.67 35.17
N VAL B 556 -6.22 -11.59 36.04
CA VAL B 556 -5.99 -11.29 37.46
C VAL B 556 -5.31 -12.43 38.25
#